data_1RKY
#
_entry.id   1RKY
#
_cell.length_a   140.144
_cell.length_b   66.702
_cell.length_c   108.620
_cell.angle_alpha   90.00
_cell.angle_beta   119.24
_cell.angle_gamma   90.00
#
_symmetry.space_group_name_H-M   'C 1 2 1'
#
loop_
_entity.id
_entity.type
_entity.pdbx_description
1 polymer 'lysyl oxidase'
2 branched beta-D-mannopyranose-(1-4)-2-acetamido-2-deoxy-beta-D-glucopyranose-(1-4)-2-acetamido-2-deoxy-beta-D-glucopyranose
3 non-polymer 2-acetamido-2-deoxy-beta-D-glucopyranose
4 non-polymer 'COPPER (II) ION'
5 non-polymer 'CALCIUM ION'
6 non-polymer 'MAGNESIUM ION'
7 non-polymer 'CHLORIDE ION'
8 non-polymer IMIDAZOLE
9 non-polymer XENON
10 water water
#
_entity_poly.entity_id   1
_entity_poly.type   'polypeptide(L)'
_entity_poly.pdbx_seq_one_letter_code
;ASAECVSNENVEIEAPKTNIWTSLAKEEVQEVLDLLHSTYNITEVTKADFFSNYVLWIETLKPNKTEALTYLDEDGDLPP
RNARTVVYFGEGEEGYFEELKVGPLPVSDETTIEPLSFYNTNGKSKLPFEVGHLDRIKSAAKSSFLNKNLNTTIMRDVLE
GLIGVPYEDMGCHSAAPQLHDPATGATVDYGTCNINTENDAENLVPTGFFFKFDMTGRDVSQWKMLEYIYNNKVYTSAEE
LYEAMQKDDFVTLPKIDVDNLDWTVIQRNDSAPVRHLDDRKSPRLVEPEGRRWAYDGDEEYFSWMDWGFYTSWSRDTGIS
FYDITFKGERIVYELSLQELIAEYGSDDPFNQHTFYSDISYGVGNRFSLVPGYDCPSTAGYFTTDTFEYDEFYNRTLSYC
VFENQEDYSLLRHTGASYSAITQNPTLNVRFISTIGN(TPQ)DYNFLYKFFLDGTLEVSVRAAGYIQAGYWNPETSAPYG
LKIHDVLSGSFHDHVLNYKVDLDVGGTKNRASQYVMKDVDVEYPWAPGTVYNTKQIAREVFENEDFNGINWPENGQGILL
IESAEETNSFGNPRAYNIMPGGGGVHRIVKNSRSGPETQNWARSNLFLTKHKDTELRSSTALNTNALYDPPVNFNAFLDD
ESLDGEDIVAWVNLGLHHLPNSNDLPNTIFSTAHASFMLTPFNYFDSENSRDTTQQVFYTYDDETEESNWEFYGNDWSSC
GVEVAEPNFEDYTYGRGTRINKKMTNSDEVY
;
_entity_poly.pdbx_strand_id   A
#
loop_
_chem_comp.id
_chem_comp.type
_chem_comp.name
_chem_comp.formula
BMA D-saccharide, beta linking beta-D-mannopyranose 'C6 H12 O6'
CA non-polymer 'CALCIUM ION' 'Ca 2'
CL non-polymer 'CHLORIDE ION' 'Cl -1'
CU non-polymer 'COPPER (II) ION' 'Cu 2'
IMD non-polymer IMIDAZOLE 'C3 H5 N2 1'
MG non-polymer 'MAGNESIUM ION' 'Mg 2'
NAG D-saccharide, beta linking 2-acetamido-2-deoxy-beta-D-glucopyranose 'C8 H15 N O6'
XE non-polymer XENON Xe
#
# COMPACT_ATOMS: atom_id res chain seq x y z
N ALA A 3 -25.71 38.13 -3.89
CA ALA A 3 -26.53 37.16 -3.09
C ALA A 3 -25.69 35.94 -2.68
N GLU A 4 -25.81 35.52 -1.43
CA GLU A 4 -25.01 34.41 -0.91
C GLU A 4 -25.47 33.07 -1.46
N CYS A 5 -24.52 32.18 -1.69
CA CYS A 5 -24.83 30.85 -2.18
C CYS A 5 -25.66 30.12 -1.12
N VAL A 6 -26.56 29.25 -1.58
CA VAL A 6 -27.43 28.49 -0.68
C VAL A 6 -26.62 27.47 0.10
N SER A 7 -26.53 27.67 1.42
CA SER A 7 -25.79 26.76 2.29
C SER A 7 -26.61 25.52 2.64
N ASN A 8 -25.92 24.39 2.79
CA ASN A 8 -26.53 23.15 3.27
C ASN A 8 -25.60 22.47 4.27
N GLU A 9 -26.19 21.85 5.30
CA GLU A 9 -25.42 21.14 6.31
C GLU A 9 -24.94 19.77 5.82
N ASN A 10 -23.83 19.30 6.38
CA ASN A 10 -23.33 17.95 6.11
C ASN A 10 -24.39 16.94 6.56
N VAL A 11 -24.61 15.92 5.74
CA VAL A 11 -25.64 14.92 5.97
C VAL A 11 -25.06 13.64 6.58
N GLU A 12 -25.72 13.17 7.62
CA GLU A 12 -25.40 11.92 8.26
C GLU A 12 -26.53 10.93 8.05
N ILE A 13 -26.16 9.67 7.85
CA ILE A 13 -27.08 8.58 7.60
C ILE A 13 -26.85 7.41 8.56
N GLU A 14 -27.78 6.45 8.54
CA GLU A 14 -27.66 5.23 9.32
C GLU A 14 -27.26 4.12 8.34
N ALA A 15 -26.15 3.44 8.62
CA ALA A 15 -25.66 2.35 7.81
C ALA A 15 -26.73 1.23 7.78
N PRO A 16 -26.88 0.53 6.65
CA PRO A 16 -27.85 -0.57 6.58
C PRO A 16 -27.60 -1.68 7.58
N LYS A 17 -26.34 -1.93 7.91
CA LYS A 17 -25.92 -2.99 8.81
C LYS A 17 -24.78 -2.50 9.67
N THR A 18 -24.37 -3.33 10.62
CA THR A 18 -23.26 -3.04 11.49
C THR A 18 -21.98 -3.27 10.70
N ASN A 19 -20.99 -2.43 10.97
CA ASN A 19 -19.64 -2.64 10.41
C ASN A 19 -18.94 -3.74 11.20
N ILE A 20 -19.08 -4.97 10.69
CA ILE A 20 -18.54 -6.18 11.29
C ILE A 20 -17.02 -6.37 11.02
N TRP A 21 -16.49 -5.45 10.25
CA TRP A 21 -15.07 -5.44 9.93
C TRP A 21 -14.27 -4.42 10.72
N THR A 22 -14.91 -3.62 11.57
CA THR A 22 -14.26 -2.50 12.21
C THR A 22 -13.23 -2.93 13.24
N SER A 23 -12.22 -2.09 13.45
CA SER A 23 -11.15 -2.32 14.41
C SER A 23 -11.74 -2.42 15.82
N LEU A 24 -10.96 -3.02 16.70
CA LEU A 24 -11.41 -3.21 18.08
C LEU A 24 -11.55 -1.88 18.76
N ALA A 25 -12.58 -1.76 19.60
CA ALA A 25 -12.72 -0.60 20.45
C ALA A 25 -11.67 -0.67 21.55
N LYS A 26 -11.33 0.49 22.11
CA LYS A 26 -10.38 0.55 23.21
C LYS A 26 -10.74 -0.43 24.31
N GLU A 27 -12.05 -0.55 24.57
CA GLU A 27 -12.58 -1.39 25.64
C GLU A 27 -12.40 -2.87 25.32
N GLU A 28 -12.55 -3.22 24.05
CA GLU A 28 -12.30 -4.59 23.61
C GLU A 28 -10.84 -4.96 23.70
N VAL A 29 -9.98 -4.03 23.32
CA VAL A 29 -8.55 -4.28 23.39
C VAL A 29 -8.17 -4.48 24.86
N GLN A 30 -8.71 -3.64 25.73
CA GLN A 30 -8.39 -3.73 27.17
C GLN A 30 -8.78 -5.06 27.76
N GLU A 31 -9.98 -5.55 27.44
CA GLU A 31 -10.43 -6.84 27.93
C GLU A 31 -9.57 -7.99 27.45
N VAL A 32 -9.10 -7.92 26.20
CA VAL A 32 -8.22 -8.93 25.66
C VAL A 32 -6.86 -8.88 26.36
N LEU A 33 -6.34 -7.68 26.57
CA LEU A 33 -5.03 -7.51 27.19
C LEU A 33 -5.05 -8.04 28.63
N ASP A 34 -6.14 -7.74 29.33
CA ASP A 34 -6.39 -8.24 30.69
C ASP A 34 -6.44 -9.77 30.73
N LEU A 35 -7.14 -10.39 29.78
CA LEU A 35 -7.26 -11.84 29.74
C LEU A 35 -5.91 -12.49 29.46
N LEU A 36 -5.12 -11.89 28.57
CA LEU A 36 -3.79 -12.38 28.29
C LEU A 36 -2.91 -12.29 29.56
N HIS A 37 -3.01 -11.17 30.29
CA HIS A 37 -2.18 -10.96 31.50
C HIS A 37 -2.55 -11.93 32.62
N SER A 38 -3.81 -12.33 32.66
CA SER A 38 -4.29 -13.27 33.67
C SER A 38 -4.01 -14.72 33.28
N THR A 39 -3.79 -14.98 31.98
CA THR A 39 -3.61 -16.32 31.47
C THR A 39 -2.15 -16.72 31.39
N TYR A 40 -1.31 -15.74 31.09
CA TYR A 40 0.12 -15.96 30.92
C TYR A 40 0.88 -15.00 31.79
N ASN A 41 2.17 -15.28 31.98
CA ASN A 41 3.09 -14.32 32.59
C ASN A 41 3.54 -13.34 31.52
N ILE A 42 2.85 -12.19 31.46
CA ILE A 42 3.16 -11.15 30.49
C ILE A 42 3.99 -10.05 31.13
N THR A 43 5.12 -9.76 30.48
CA THR A 43 6.00 -8.65 30.85
C THR A 43 5.67 -7.42 30.00
N GLU A 44 5.67 -6.24 30.62
CA GLU A 44 5.57 -4.98 29.90
C GLU A 44 6.71 -4.87 28.89
N VAL A 45 6.42 -4.35 27.71
CA VAL A 45 7.43 -4.28 26.65
C VAL A 45 8.67 -3.48 27.04
N THR A 46 8.52 -2.40 27.82
CA THR A 46 9.67 -1.62 28.26
C THR A 46 10.60 -2.36 29.22
N LYS A 47 10.13 -3.47 29.78
CA LYS A 47 10.94 -4.31 30.67
C LYS A 47 11.32 -5.66 30.05
N ALA A 48 10.98 -5.89 28.78
CA ALA A 48 11.07 -7.21 28.19
C ALA A 48 12.38 -7.45 27.46
N ASP A 49 12.78 -8.72 27.38
CA ASP A 49 13.91 -9.18 26.54
C ASP A 49 13.52 -10.46 25.82
N PHE A 50 14.49 -11.12 25.19
CA PHE A 50 14.23 -12.30 24.39
C PHE A 50 13.77 -13.51 25.20
N PHE A 51 13.87 -13.41 26.53
CA PHE A 51 13.44 -14.49 27.42
C PHE A 51 12.16 -14.17 28.20
N SER A 52 11.57 -13.00 27.95
CA SER A 52 10.26 -12.64 28.49
C SER A 52 9.15 -13.08 27.54
N ASN A 53 7.93 -13.00 28.05
CA ASN A 53 6.71 -13.02 27.21
C ASN A 53 6.14 -11.62 27.16
N TYR A 54 5.73 -11.16 25.98
CA TYR A 54 5.10 -9.89 25.90
C TYR A 54 4.14 -9.84 24.70
N VAL A 55 3.18 -8.92 24.78
CA VAL A 55 2.17 -8.78 23.72
C VAL A 55 2.62 -7.80 22.65
N LEU A 56 2.49 -8.17 21.37
CA LEU A 56 2.80 -7.24 20.29
C LEU A 56 1.56 -6.56 19.79
N TRP A 57 0.61 -7.36 19.33
CA TRP A 57 -0.56 -6.90 18.58
C TRP A 57 -1.85 -7.52 19.10
N ILE A 58 -2.92 -6.72 19.03
CA ILE A 58 -4.29 -7.14 19.31
C ILE A 58 -5.19 -6.39 18.33
N GLU A 59 -5.87 -7.13 17.47
CA GLU A 59 -6.76 -6.53 16.47
C GLU A 59 -7.91 -7.43 16.09
N THR A 60 -8.82 -6.90 15.29
CA THR A 60 -9.99 -7.64 14.84
C THR A 60 -9.59 -8.80 13.96
N LEU A 61 -10.12 -9.97 14.26
CA LEU A 61 -10.10 -11.12 13.36
C LEU A 61 -11.39 -11.06 12.55
N LYS A 62 -11.28 -10.59 11.32
CA LYS A 62 -12.47 -10.30 10.55
C LYS A 62 -13.29 -11.55 10.29
N PRO A 63 -14.60 -11.38 10.16
CA PRO A 63 -15.49 -12.50 9.88
C PRO A 63 -15.18 -13.21 8.57
N ASN A 64 -15.56 -14.46 8.51
CA ASN A 64 -15.48 -15.23 7.28
C ASN A 64 -16.60 -14.79 6.35
N LYS A 65 -16.39 -14.97 5.06
CA LYS A 65 -17.27 -14.41 4.07
C LYS A 65 -18.70 -14.94 4.11
N THR A 66 -18.87 -16.26 4.20
CA THR A 66 -20.22 -16.80 4.12
C THR A 66 -21.07 -16.30 5.30
N GLU A 67 -20.49 -16.22 6.49
CA GLU A 67 -21.23 -15.74 7.66
C GLU A 67 -21.50 -14.25 7.51
N ALA A 68 -20.55 -13.54 6.93
CA ALA A 68 -20.71 -12.10 6.67
C ALA A 68 -21.85 -11.84 5.70
N LEU A 69 -21.90 -12.60 4.61
CA LEU A 69 -22.92 -12.41 3.58
C LEU A 69 -24.31 -12.80 4.10
N THR A 70 -24.38 -13.83 4.94
CA THR A 70 -25.64 -14.28 5.55
C THR A 70 -26.20 -13.17 6.45
N TYR A 71 -25.33 -12.54 7.22
CA TYR A 71 -25.68 -11.35 7.99
C TYR A 71 -26.15 -10.18 7.10
N LEU A 72 -25.41 -9.87 6.06
CA LEU A 72 -25.67 -8.68 5.24
C LEU A 72 -26.91 -8.86 4.38
N ASP A 73 -27.13 -10.08 3.88
CA ASP A 73 -28.11 -10.30 2.82
C ASP A 73 -29.29 -11.20 3.21
N GLU A 74 -29.14 -12.01 4.25
CA GLU A 74 -30.13 -13.06 4.54
C GLU A 74 -30.55 -13.05 6.01
N ASP A 75 -30.53 -11.87 6.63
CA ASP A 75 -30.93 -11.75 8.03
C ASP A 75 -30.30 -12.74 9.00
N GLY A 76 -29.04 -13.10 8.79
CA GLY A 76 -28.34 -13.95 9.72
C GLY A 76 -27.89 -13.23 10.95
N ASP A 77 -27.40 -14.01 11.91
CA ASP A 77 -26.76 -13.52 13.12
C ASP A 77 -25.52 -12.72 12.79
N LEU A 78 -25.24 -11.73 13.61
CA LEU A 78 -23.92 -11.10 13.64
C LEU A 78 -22.88 -12.18 13.74
N PRO A 79 -21.81 -12.10 12.93
CA PRO A 79 -20.70 -13.03 13.13
C PRO A 79 -20.08 -12.83 14.51
N PRO A 80 -19.49 -13.88 15.10
CA PRO A 80 -18.73 -13.75 16.35
C PRO A 80 -17.67 -12.65 16.25
N ARG A 81 -17.51 -11.91 17.33
CA ARG A 81 -16.56 -10.83 17.43
C ARG A 81 -15.31 -11.43 18.08
N ASN A 82 -14.22 -11.50 17.32
CA ASN A 82 -12.99 -12.12 17.80
C ASN A 82 -11.80 -11.19 17.60
N ALA A 83 -10.78 -11.43 18.39
CA ALA A 83 -9.46 -10.79 18.26
C ALA A 83 -8.40 -11.77 17.79
N ARG A 84 -7.51 -11.26 16.94
CA ARG A 84 -6.24 -11.91 16.65
C ARG A 84 -5.23 -11.18 17.51
N THR A 85 -4.43 -11.93 18.25
CA THR A 85 -3.30 -11.34 18.96
C THR A 85 -2.04 -12.09 18.58
N VAL A 86 -0.92 -11.39 18.64
CA VAL A 86 0.41 -11.95 18.49
C VAL A 86 1.18 -11.66 19.76
N VAL A 87 1.71 -12.71 20.35
CA VAL A 87 2.42 -12.64 21.63
C VAL A 87 3.76 -13.31 21.42
N TYR A 88 4.81 -12.71 21.95
CA TYR A 88 6.11 -13.34 21.96
C TYR A 88 6.23 -14.14 23.25
N PHE A 89 6.54 -15.42 23.10
CA PHE A 89 6.81 -16.32 24.22
C PHE A 89 8.29 -16.67 24.26
N GLY A 90 8.97 -16.20 25.31
CA GLY A 90 10.38 -16.47 25.49
C GLY A 90 10.70 -17.28 26.74
N GLU A 91 9.66 -17.69 27.45
CA GLU A 91 9.79 -18.42 28.72
C GLU A 91 10.26 -19.87 28.58
N GLY A 92 10.16 -20.42 27.37
CA GLY A 92 10.55 -21.79 27.08
C GLY A 92 12.02 -21.89 26.69
N GLU A 93 12.43 -23.08 26.30
CA GLU A 93 13.82 -23.34 25.89
C GLU A 93 14.15 -22.63 24.58
N GLU A 94 13.13 -22.46 23.74
CA GLU A 94 13.25 -21.70 22.50
C GLU A 94 12.14 -20.64 22.41
N GLY A 95 12.48 -19.45 21.92
CA GLY A 95 11.53 -18.37 21.82
C GLY A 95 10.80 -18.45 20.49
N TYR A 96 9.56 -17.98 20.49
CA TYR A 96 8.74 -17.88 19.26
C TYR A 96 7.66 -16.86 19.42
N PHE A 97 7.13 -16.34 18.31
CA PHE A 97 5.93 -15.51 18.37
C PHE A 97 4.79 -16.47 18.11
N GLU A 98 3.63 -16.27 18.75
CA GLU A 98 2.50 -17.09 18.43
C GLU A 98 1.29 -16.23 18.18
N GLU A 99 0.54 -16.58 17.14
CA GLU A 99 -0.71 -15.94 16.85
C GLU A 99 -1.78 -16.71 17.58
N LEU A 100 -2.61 -15.97 18.30
CA LEU A 100 -3.69 -16.53 19.11
C LEU A 100 -5.01 -15.83 18.84
N LYS A 101 -6.09 -16.60 18.81
CA LYS A 101 -7.46 -16.10 18.69
C LYS A 101 -8.04 -15.95 20.09
N VAL A 102 -8.60 -14.78 20.37
CA VAL A 102 -9.29 -14.52 21.65
C VAL A 102 -10.72 -14.11 21.36
N GLY A 103 -11.66 -14.95 21.74
CA GLY A 103 -13.07 -14.62 21.66
C GLY A 103 -13.97 -15.80 21.98
N PRO A 104 -15.27 -15.63 21.84
CA PRO A 104 -15.90 -14.37 21.41
C PRO A 104 -15.78 -13.22 22.40
N LEU A 105 -15.98 -12.02 21.89
CA LEU A 105 -15.98 -10.80 22.69
C LEU A 105 -17.42 -10.24 22.74
N PRO A 106 -17.80 -9.55 23.82
CA PRO A 106 -16.96 -9.29 25.00
C PRO A 106 -16.61 -10.53 25.82
N VAL A 107 -15.60 -10.37 26.67
CA VAL A 107 -15.06 -11.48 27.44
C VAL A 107 -16.15 -12.02 28.37
N SER A 108 -16.41 -13.31 28.23
CA SER A 108 -17.44 -13.99 28.98
C SER A 108 -16.96 -15.41 29.28
N ASP A 109 -17.82 -16.22 29.87
CA ASP A 109 -17.51 -17.61 30.19
C ASP A 109 -17.29 -18.49 28.94
N GLU A 110 -17.76 -18.02 27.79
CA GLU A 110 -17.55 -18.70 26.52
C GLU A 110 -16.19 -18.36 25.86
N THR A 111 -15.56 -17.29 26.31
CA THR A 111 -14.30 -16.83 25.70
C THR A 111 -13.16 -17.80 25.92
N THR A 112 -12.46 -18.12 24.84
CA THR A 112 -11.27 -18.96 24.88
C THR A 112 -10.10 -18.25 24.23
N ILE A 113 -8.92 -18.80 24.49
CA ILE A 113 -7.67 -18.43 23.82
C ILE A 113 -7.16 -19.69 23.14
N GLU A 114 -7.00 -19.61 21.82
CA GLU A 114 -6.59 -20.75 21.02
C GLU A 114 -5.50 -20.35 20.02
N PRO A 115 -4.65 -21.30 19.65
CA PRO A 115 -3.72 -21.09 18.53
C PRO A 115 -4.48 -20.73 17.25
N LEU A 116 -3.95 -19.77 16.50
CA LEU A 116 -4.61 -19.24 15.31
C LEU A 116 -3.64 -19.42 14.15
N SER A 117 -4.05 -20.22 13.19
CA SER A 117 -3.20 -20.50 12.04
C SER A 117 -3.96 -20.68 10.73
N PHE A 118 -5.30 -20.54 10.71
CA PHE A 118 -6.04 -20.99 9.53
C PHE A 118 -5.71 -20.26 8.21
N TYR A 119 -5.27 -19.02 8.32
CA TYR A 119 -4.97 -18.19 7.15
C TYR A 119 -3.49 -18.28 6.80
N ASN A 120 -2.68 -18.98 7.63
CA ASN A 120 -1.29 -19.25 7.30
C ASN A 120 -1.17 -20.50 6.45
N THR A 121 -0.63 -20.35 5.24
CA THR A 121 -0.50 -21.51 4.36
C THR A 121 0.45 -22.58 4.93
N ASN A 122 1.39 -22.16 5.78
CA ASN A 122 2.37 -23.12 6.36
C ASN A 122 1.80 -23.94 7.52
N GLY A 123 0.55 -23.68 7.87
CA GLY A 123 -0.16 -24.43 8.90
C GLY A 123 0.30 -24.18 10.32
N LYS A 124 1.10 -23.15 10.55
CA LYS A 124 1.68 -22.91 11.88
C LYS A 124 1.13 -21.65 12.53
N SER A 125 0.86 -21.73 13.82
CA SER A 125 0.61 -20.52 14.64
C SER A 125 1.90 -19.87 15.18
N LYS A 126 2.99 -20.64 15.25
CA LYS A 126 4.22 -20.18 15.85
C LYS A 126 5.28 -19.83 14.81
N LEU A 127 5.87 -18.66 14.98
CA LEU A 127 6.98 -18.19 14.18
C LEU A 127 8.25 -18.28 15.05
N PRO A 128 9.21 -19.12 14.64
CA PRO A 128 10.47 -19.26 15.39
C PRO A 128 11.23 -17.95 15.54
N PHE A 129 11.93 -17.78 16.66
CA PHE A 129 12.73 -16.60 16.94
C PHE A 129 13.66 -16.22 15.79
N GLU A 130 14.31 -17.21 15.19
CA GLU A 130 15.35 -16.92 14.19
C GLU A 130 14.77 -16.14 13.00
N VAL A 131 13.51 -16.39 12.68
CA VAL A 131 12.83 -15.72 11.56
C VAL A 131 11.73 -14.82 12.06
N GLY A 132 11.95 -14.32 13.27
CA GLY A 132 10.95 -13.55 13.97
C GLY A 132 10.73 -12.16 13.43
N HIS A 133 9.69 -11.52 13.94
CA HIS A 133 9.45 -10.14 13.62
C HIS A 133 10.58 -9.25 14.15
N LEU A 134 11.04 -8.32 13.33
CA LEU A 134 11.94 -7.26 13.77
C LEU A 134 11.17 -6.27 14.68
N ASP A 135 11.01 -6.66 15.93
CA ASP A 135 10.22 -5.92 16.88
C ASP A 135 11.11 -4.96 17.70
N ARG A 136 10.50 -4.20 18.58
CA ARG A 136 11.23 -3.19 19.34
C ARG A 136 12.35 -3.85 20.13
N ILE A 137 12.09 -5.06 20.64
CA ILE A 137 13.10 -5.78 21.42
C ILE A 137 14.30 -6.20 20.57
N LYS A 138 14.06 -6.81 19.42
CA LYS A 138 15.15 -7.24 18.55
C LYS A 138 15.89 -6.05 17.97
N SER A 139 15.17 -4.99 17.62
CA SER A 139 15.78 -3.75 17.13
C SER A 139 16.78 -3.16 18.14
N ALA A 140 16.33 -3.08 19.39
CA ALA A 140 17.15 -2.54 20.47
C ALA A 140 18.41 -3.39 20.68
N ALA A 141 18.26 -4.71 20.64
CA ALA A 141 19.41 -5.62 20.77
C ALA A 141 20.38 -5.45 19.61
N LYS A 142 19.88 -5.24 18.40
CA LYS A 142 20.78 -5.10 17.27
C LYS A 142 21.53 -3.77 17.36
N SER A 143 20.83 -2.72 17.76
CA SER A 143 21.44 -1.39 17.87
C SER A 143 22.54 -1.38 18.95
N SER A 144 22.25 -2.05 20.06
CA SER A 144 23.23 -2.22 21.15
C SER A 144 24.44 -3.03 20.71
N PHE A 145 24.21 -4.10 19.96
CA PHE A 145 25.28 -4.94 19.47
C PHE A 145 26.18 -4.15 18.50
N LEU A 146 25.59 -3.37 17.61
CA LEU A 146 26.37 -2.59 16.68
C LEU A 146 27.19 -1.54 17.39
N ASN A 147 26.60 -0.87 18.35
CA ASN A 147 27.33 0.17 19.09
C ASN A 147 28.54 -0.42 19.84
N LYS A 148 28.35 -1.59 20.41
CA LYS A 148 29.40 -2.32 21.12
C LYS A 148 30.60 -2.58 20.21
N ASN A 149 30.33 -2.90 18.95
CA ASN A 149 31.39 -3.25 18.01
C ASN A 149 32.01 -2.05 17.26
N LEU A 150 31.18 -1.05 16.93
CA LEU A 150 31.62 0.03 16.07
C LEU A 150 32.15 1.23 16.84
N ASN A 151 31.88 1.28 18.15
CA ASN A 151 32.30 2.41 19.00
C ASN A 151 33.53 2.06 19.87
N THR A 152 34.34 1.10 19.44
CA THR A 152 35.61 0.82 20.12
C THR A 152 36.65 1.83 19.67
N THR A 153 37.77 1.90 20.40
CA THR A 153 38.78 2.90 20.07
C THR A 153 39.26 2.71 18.63
N ILE A 154 39.50 1.47 18.24
CA ILE A 154 40.04 1.19 16.91
C ILE A 154 38.99 1.53 15.83
N MET A 155 37.78 1.02 15.97
CA MET A 155 36.70 1.32 14.98
C MET A 155 36.31 2.79 14.89
N ARG A 156 36.41 3.52 15.99
CA ARG A 156 36.14 4.94 15.98
C ARG A 156 37.10 5.63 15.04
N ASP A 157 38.35 5.18 15.11
CA ASP A 157 39.43 5.66 14.23
C ASP A 157 39.25 5.24 12.77
N VAL A 158 38.91 3.97 12.56
CA VAL A 158 38.66 3.44 11.20
C VAL A 158 37.54 4.25 10.52
N LEU A 159 36.42 4.43 11.23
CA LEU A 159 35.27 5.15 10.68
C LEU A 159 35.58 6.60 10.38
N GLU A 160 36.22 7.32 11.31
CA GLU A 160 36.52 8.71 11.08
C GLU A 160 37.49 8.86 9.90
N GLY A 161 38.46 7.97 9.81
CA GLY A 161 39.45 8.05 8.75
C GLY A 161 38.87 7.82 7.37
N LEU A 162 38.00 6.83 7.25
CA LEU A 162 37.38 6.49 5.97
C LEU A 162 36.29 7.47 5.57
N ILE A 163 35.51 7.96 6.54
CA ILE A 163 34.26 8.68 6.24
C ILE A 163 34.41 10.17 6.39
N GLY A 164 35.23 10.58 7.36
CA GLY A 164 35.58 11.98 7.51
C GLY A 164 34.89 12.71 8.62
N VAL A 165 34.02 12.00 9.35
CA VAL A 165 33.33 12.55 10.50
C VAL A 165 33.45 11.51 11.61
N PRO A 166 33.35 11.95 12.86
CA PRO A 166 33.41 11.01 13.97
C PRO A 166 32.14 10.17 14.09
N TYR A 167 32.26 9.07 14.82
CA TYR A 167 31.16 8.14 15.09
C TYR A 167 29.88 8.84 15.53
N GLU A 168 30.01 9.91 16.34
CA GLU A 168 28.84 10.68 16.81
C GLU A 168 28.00 11.32 15.69
N ASP A 169 28.63 11.51 14.55
CA ASP A 169 28.04 12.25 13.46
C ASP A 169 27.48 11.32 12.38
N MET A 170 27.48 10.02 12.64
CA MET A 170 26.91 9.05 11.72
C MET A 170 25.98 8.10 12.44
N GLY A 171 25.20 7.35 11.67
CA GLY A 171 24.32 6.36 12.22
C GLY A 171 24.50 5.07 11.47
N CYS A 172 24.66 3.98 12.20
CA CYS A 172 24.88 2.68 11.60
C CYS A 172 23.65 1.81 11.87
N HIS A 173 23.30 0.99 10.88
CA HIS A 173 22.01 0.30 10.88
C HIS A 173 22.03 -0.90 9.91
N SER A 174 21.06 -1.77 10.05
CA SER A 174 21.10 -3.05 9.37
C SER A 174 20.08 -3.15 8.23
N ALA A 175 20.44 -3.96 7.25
CA ALA A 175 19.59 -4.24 6.07
C ALA A 175 18.44 -5.15 6.43
N ALA A 176 17.31 -4.95 5.73
CA ALA A 176 16.15 -5.79 5.91
C ALA A 176 15.82 -6.44 4.58
N PRO A 177 15.51 -7.72 4.54
CA PRO A 177 15.40 -8.58 5.73
C PRO A 177 16.71 -9.11 6.25
N GLN A 178 16.62 -9.73 7.42
CA GLN A 178 17.72 -10.55 7.91
C GLN A 178 17.80 -11.80 7.06
N LEU A 179 18.90 -12.52 7.16
CA LEU A 179 19.17 -13.68 6.32
C LEU A 179 19.41 -14.93 7.17
N HIS A 180 18.33 -15.63 7.49
CA HIS A 180 18.39 -16.90 8.16
C HIS A 180 18.54 -18.02 7.13
N ASP A 181 19.50 -18.91 7.39
CA ASP A 181 19.74 -20.07 6.58
C ASP A 181 19.21 -21.32 7.33
N PRO A 182 18.09 -21.88 6.89
CA PRO A 182 17.54 -23.05 7.58
C PRO A 182 18.46 -24.28 7.51
N ALA A 183 19.36 -24.34 6.54
CA ALA A 183 20.29 -25.45 6.38
C ALA A 183 21.34 -25.50 7.48
N THR A 184 21.82 -24.33 7.89
CA THR A 184 22.86 -24.22 8.92
C THR A 184 22.36 -23.73 10.27
N GLY A 185 21.14 -23.18 10.30
CA GLY A 185 20.61 -22.55 11.48
C GLY A 185 21.11 -21.14 11.75
N ALA A 186 22.01 -20.65 10.92
CA ALA A 186 22.61 -19.35 11.14
C ALA A 186 21.72 -18.23 10.64
N THR A 187 21.78 -17.10 11.33
CA THR A 187 21.14 -15.87 10.95
C THR A 187 22.17 -14.76 10.85
N VAL A 188 22.35 -14.19 9.66
CA VAL A 188 23.26 -13.07 9.47
C VAL A 188 22.50 -11.86 8.92
N ASP A 189 23.17 -10.73 8.95
CA ASP A 189 22.62 -9.47 8.50
C ASP A 189 23.77 -8.57 8.04
N TYR A 190 23.49 -7.71 7.08
CA TYR A 190 24.44 -6.73 6.60
C TYR A 190 23.98 -5.40 7.12
N GLY A 191 24.85 -4.41 6.99
CA GLY A 191 24.64 -3.09 7.51
C GLY A 191 25.51 -2.06 6.84
N THR A 192 25.19 -0.80 7.10
CA THR A 192 26.01 0.32 6.64
C THR A 192 25.85 1.50 7.59
N CYS A 193 26.50 2.60 7.25
CA CYS A 193 26.43 3.84 7.99
C CYS A 193 26.07 4.96 7.02
N ASN A 194 25.33 5.93 7.55
CA ASN A 194 24.95 7.11 6.83
C ASN A 194 25.31 8.31 7.69
N ILE A 195 25.60 9.44 7.07
CA ILE A 195 25.85 10.66 7.82
C ILE A 195 24.56 11.16 8.48
N ASN A 196 24.63 11.56 9.76
CA ASN A 196 23.49 12.19 10.42
C ASN A 196 23.14 13.54 9.79
N THR A 197 21.84 13.80 9.64
CA THR A 197 21.35 15.09 9.17
C THR A 197 20.28 15.61 10.12
N GLU A 198 20.00 16.91 10.02
CA GLU A 198 18.93 17.53 10.79
C GLU A 198 17.55 17.41 10.13
N ASN A 199 17.53 16.96 8.88
CA ASN A 199 16.30 17.06 8.09
C ASN A 199 15.81 15.72 7.50
N ASP A 200 16.10 14.63 8.19
CA ASP A 200 15.67 13.27 7.77
C ASP A 200 16.21 12.83 6.39
N ALA A 201 17.33 13.41 5.96
CA ALA A 201 17.94 13.13 4.66
C ALA A 201 19.13 12.17 4.69
N GLU A 202 19.23 11.37 5.75
CA GLU A 202 20.29 10.36 5.88
C GLU A 202 20.42 9.42 4.67
N ASN A 203 19.29 9.10 4.04
CA ASN A 203 19.33 8.24 2.84
C ASN A 203 20.09 8.82 1.64
N LEU A 204 20.29 10.14 1.64
CA LEU A 204 21.08 10.81 0.59
C LEU A 204 22.57 10.91 0.88
N VAL A 205 22.96 10.48 2.08
CA VAL A 205 24.37 10.50 2.49
C VAL A 205 24.87 9.14 3.02
N PRO A 206 24.78 8.11 2.17
CA PRO A 206 25.34 6.81 2.50
C PRO A 206 26.88 6.85 2.37
N THR A 207 27.58 6.22 3.30
CA THR A 207 29.05 6.40 3.37
C THR A 207 29.87 5.42 2.55
N GLY A 208 29.28 4.31 2.16
CA GLY A 208 29.98 3.23 1.49
C GLY A 208 30.80 2.32 2.41
N PHE A 209 30.60 2.49 3.72
CA PHE A 209 31.15 1.57 4.70
C PHE A 209 30.11 0.52 5.07
N PHE A 210 30.45 -0.74 4.84
CA PHE A 210 29.54 -1.87 5.07
C PHE A 210 30.09 -2.83 6.08
N PHE A 211 29.19 -3.61 6.66
CA PHE A 211 29.54 -4.67 7.57
C PHE A 211 28.55 -5.82 7.54
N LYS A 212 28.97 -6.94 8.10
CA LYS A 212 28.17 -8.16 8.15
C LYS A 212 28.33 -8.76 9.51
N PHE A 213 27.24 -9.23 10.08
CA PHE A 213 27.29 -9.84 11.42
C PHE A 213 26.41 -11.05 11.54
N ASP A 214 26.79 -11.91 12.47
CA ASP A 214 26.03 -13.09 12.81
C ASP A 214 25.28 -12.78 14.07
N MET A 215 23.96 -12.97 14.04
CA MET A 215 23.03 -12.65 15.12
C MET A 215 22.20 -13.88 15.47
N THR A 216 22.83 -15.05 15.38
CA THR A 216 22.15 -16.32 15.65
C THR A 216 21.88 -16.47 17.13
N GLY A 217 20.65 -16.82 17.47
CA GLY A 217 20.26 -17.24 18.81
C GLY A 217 19.86 -16.08 19.68
N ARG A 218 19.21 -16.37 20.82
CA ARG A 218 18.75 -15.34 21.72
C ARG A 218 19.82 -14.80 22.69
N ASP A 219 21.00 -15.40 22.69
CA ASP A 219 22.08 -14.96 23.55
C ASP A 219 23.02 -14.00 22.82
N VAL A 220 22.83 -12.70 23.06
CA VAL A 220 23.56 -11.69 22.26
C VAL A 220 25.06 -11.68 22.55
N SER A 221 25.50 -12.25 23.68
CA SER A 221 26.92 -12.41 23.97
C SER A 221 27.62 -13.29 22.94
N GLN A 222 26.88 -14.13 22.21
CA GLN A 222 27.45 -14.98 21.16
C GLN A 222 27.36 -14.40 19.73
N TRP A 223 26.68 -13.27 19.58
CA TRP A 223 26.65 -12.55 18.29
C TRP A 223 28.04 -12.01 17.95
N LYS A 224 28.39 -12.03 16.66
CA LYS A 224 29.75 -11.68 16.25
C LYS A 224 29.76 -10.89 14.95
N MET A 225 30.55 -9.82 14.90
CA MET A 225 30.85 -9.16 13.61
C MET A 225 31.69 -10.06 12.72
N LEU A 226 31.23 -10.31 11.49
CA LEU A 226 31.89 -11.21 10.57
C LEU A 226 32.82 -10.51 9.60
N GLU A 227 32.38 -9.38 9.07
CA GLU A 227 33.10 -8.67 8.02
C GLU A 227 32.92 -7.18 8.10
N TYR A 228 33.96 -6.47 7.67
CA TYR A 228 33.87 -5.07 7.28
C TYR A 228 34.15 -5.05 5.81
N ILE A 229 33.33 -4.29 5.06
CA ILE A 229 33.46 -4.25 3.61
C ILE A 229 33.58 -2.79 3.19
N TYR A 230 34.61 -2.48 2.43
CA TYR A 230 34.87 -1.10 2.01
C TYR A 230 35.65 -1.11 0.71
N ASN A 231 35.20 -0.29 -0.26
CA ASN A 231 35.75 -0.32 -1.62
C ASN A 231 35.87 -1.73 -2.19
N ASN A 232 34.85 -2.55 -1.97
CA ASN A 232 34.73 -3.89 -2.52
C ASN A 232 35.76 -4.92 -2.00
N LYS A 233 36.36 -4.58 -0.87
CA LYS A 233 37.29 -5.50 -0.18
C LYS A 233 36.72 -5.93 1.18
N VAL A 234 36.94 -7.19 1.54
CA VAL A 234 36.42 -7.78 2.77
C VAL A 234 37.58 -7.91 3.79
N TYR A 235 37.32 -7.39 5.00
CA TYR A 235 38.22 -7.49 6.17
C TYR A 235 37.54 -8.32 7.26
N THR A 236 38.27 -9.23 7.89
CA THR A 236 37.65 -10.10 8.92
C THR A 236 37.92 -9.68 10.36
N SER A 237 38.54 -8.51 10.55
CA SER A 237 38.66 -7.90 11.84
C SER A 237 38.91 -6.41 11.69
N ALA A 238 38.57 -5.66 12.73
CA ALA A 238 38.87 -4.24 12.81
C ALA A 238 40.37 -3.99 12.66
N GLU A 239 41.17 -4.86 13.25
CA GLU A 239 42.63 -4.72 13.25
C GLU A 239 43.18 -4.83 11.83
N GLU A 240 42.67 -5.78 11.07
CA GLU A 240 43.09 -5.97 9.69
C GLU A 240 42.83 -4.71 8.86
N LEU A 241 41.66 -4.11 9.04
CA LEU A 241 41.29 -2.91 8.30
C LEU A 241 42.10 -1.70 8.75
N TYR A 242 42.27 -1.55 10.05
CA TYR A 242 43.06 -0.44 10.59
C TYR A 242 44.48 -0.49 9.99
N GLU A 243 45.06 -1.68 9.94
CA GLU A 243 46.43 -1.87 9.45
C GLU A 243 46.52 -1.66 7.95
N ALA A 244 45.51 -2.11 7.21
CA ALA A 244 45.44 -1.84 5.77
C ALA A 244 45.44 -0.34 5.49
N MET A 245 44.77 0.43 6.35
CA MET A 245 44.65 1.87 6.15
C MET A 245 45.96 2.64 6.35
N GLN A 246 46.88 2.07 7.12
CA GLN A 246 48.16 2.72 7.40
C GLN A 246 49.16 2.57 6.25
N LYS A 247 48.89 1.63 5.34
CA LYS A 247 49.75 1.38 4.18
C LYS A 247 49.60 2.45 3.12
N ASP A 248 50.69 2.76 2.43
CA ASP A 248 50.71 3.82 1.42
C ASP A 248 49.88 3.46 0.17
N ASP A 249 49.66 2.16 -0.08
CA ASP A 249 48.91 1.74 -1.26
C ASP A 249 47.37 1.76 -1.04
N PHE A 250 46.92 2.19 0.13
CA PHE A 250 45.49 2.12 0.49
C PHE A 250 44.67 3.23 -0.17
N VAL A 251 43.62 2.80 -0.89
CA VAL A 251 42.69 3.73 -1.55
C VAL A 251 41.51 4.06 -0.63
N THR A 252 41.39 5.35 -0.30
CA THR A 252 40.24 5.89 0.41
C THR A 252 39.35 6.59 -0.62
N LEU A 253 38.09 6.17 -0.68
CA LEU A 253 37.16 6.71 -1.66
C LEU A 253 36.79 8.12 -1.29
N PRO A 254 36.45 8.96 -2.28
CA PRO A 254 36.04 10.34 -2.00
C PRO A 254 34.96 10.45 -0.92
N LYS A 255 35.13 11.40 -0.02
CA LYS A 255 34.25 11.53 1.14
C LYS A 255 33.10 12.46 0.82
N ILE A 256 31.98 12.27 1.52
CA ILE A 256 30.86 13.19 1.43
C ILE A 256 31.27 14.57 1.93
N ASP A 257 30.93 15.61 1.16
CA ASP A 257 31.04 17.00 1.61
C ASP A 257 29.91 17.36 2.60
N VAL A 258 30.15 17.11 3.90
CA VAL A 258 29.13 17.28 4.92
C VAL A 258 28.86 18.74 5.29
N ASP A 259 29.72 19.64 4.79
CA ASP A 259 29.53 21.06 4.99
C ASP A 259 28.54 21.72 4.02
N ASN A 260 28.13 20.97 2.99
CA ASN A 260 27.30 21.55 1.95
C ASN A 260 26.20 20.55 1.56
N LEU A 261 25.14 20.53 2.37
CA LEU A 261 24.04 19.57 2.25
C LEU A 261 22.70 20.25 1.93
N ASP A 262 22.77 21.48 1.41
CA ASP A 262 21.56 22.23 1.07
C ASP A 262 20.79 21.54 -0.06
N TRP A 263 21.51 20.78 -0.88
CA TRP A 263 20.91 19.97 -1.96
C TRP A 263 19.96 18.87 -1.43
N THR A 264 19.99 18.59 -0.13
CA THR A 264 19.08 17.59 0.50
C THR A 264 17.81 18.21 1.06
N VAL A 265 17.69 19.53 1.02
CA VAL A 265 16.59 20.24 1.70
C VAL A 265 15.38 20.42 0.80
N ILE A 266 14.22 20.02 1.30
CA ILE A 266 12.98 20.03 0.50
C ILE A 266 12.35 21.40 0.37
N GLN A 267 12.18 22.07 1.50
CA GLN A 267 11.36 23.26 1.55
C GLN A 267 12.05 24.42 0.83
N ARG A 268 11.23 25.39 0.49
CA ARG A 268 11.64 26.55 -0.24
C ARG A 268 12.77 27.29 0.47
N ASN A 269 13.72 27.74 -0.34
CA ASN A 269 14.79 28.66 0.04
C ASN A 269 14.20 30.07 -0.05
N ASP A 270 13.95 30.74 1.08
CA ASP A 270 13.27 32.05 0.99
C ASP A 270 14.11 33.20 0.38
N SER A 271 15.35 32.91 -0.02
CA SER A 271 16.15 33.81 -0.86
C SER A 271 16.00 33.56 -2.38
N ALA A 272 15.30 32.51 -2.76
CA ALA A 272 14.99 32.27 -4.16
C ALA A 272 13.98 33.31 -4.69
N PRO A 273 14.17 33.75 -5.92
CA PRO A 273 13.18 34.64 -6.55
C PRO A 273 11.85 33.92 -6.67
N VAL A 274 10.77 34.69 -6.74
CA VAL A 274 9.44 34.12 -6.88
C VAL A 274 9.09 34.16 -8.37
N ARG A 275 8.46 33.09 -8.87
CA ARG A 275 8.04 33.11 -10.25
C ARG A 275 6.94 34.13 -10.49
N HIS A 276 6.82 34.61 -11.72
CA HIS A 276 5.76 35.54 -12.11
C HIS A 276 4.37 35.06 -11.65
N LEU A 277 3.70 35.91 -10.90
CA LEU A 277 2.35 35.68 -10.39
C LEU A 277 2.20 34.61 -9.28
N ASP A 278 3.32 34.08 -8.80
CA ASP A 278 3.31 33.14 -7.68
C ASP A 278 3.08 33.84 -6.34
N ASP A 279 2.90 35.17 -6.38
CA ASP A 279 2.42 35.91 -5.21
C ASP A 279 0.90 35.95 -5.14
N ARG A 280 0.22 35.21 -6.04
CA ARG A 280 -1.22 35.01 -5.96
C ARG A 280 -1.41 33.57 -5.54
N LYS A 281 -2.35 33.32 -4.64
CA LYS A 281 -2.69 31.96 -4.16
C LYS A 281 -3.22 31.08 -5.30
N SER A 282 -2.84 29.80 -5.31
CA SER A 282 -3.29 28.89 -6.38
C SER A 282 -4.78 28.52 -6.22
N PRO A 283 -5.39 27.95 -7.27
CA PRO A 283 -6.83 27.67 -7.20
C PRO A 283 -7.25 26.73 -6.07
N ARG A 284 -8.52 26.86 -5.70
CA ARG A 284 -9.16 26.17 -4.59
C ARG A 284 -10.45 25.52 -5.08
N LEU A 285 -10.70 24.30 -4.62
CA LEU A 285 -11.99 23.65 -4.83
C LEU A 285 -12.92 24.08 -3.70
N VAL A 286 -14.14 24.46 -4.07
CA VAL A 286 -15.18 24.80 -3.10
C VAL A 286 -16.48 24.07 -3.41
N GLU A 287 -17.32 24.00 -2.39
CA GLU A 287 -18.62 23.37 -2.47
C GLU A 287 -19.67 24.45 -2.26
N PRO A 288 -20.13 25.06 -3.35
CA PRO A 288 -21.04 26.22 -3.25
C PRO A 288 -22.32 25.93 -2.51
N GLU A 289 -22.87 24.71 -2.65
CA GLU A 289 -24.09 24.31 -1.93
C GLU A 289 -23.90 23.17 -0.95
N GLY A 290 -22.68 23.03 -0.41
CA GLY A 290 -22.37 22.10 0.63
C GLY A 290 -22.00 20.72 0.08
N ARG A 291 -21.88 19.80 1.03
CA ARG A 291 -21.32 18.47 0.82
C ARG A 291 -22.34 17.52 0.24
N ARG A 292 -21.90 16.69 -0.73
CA ARG A 292 -22.83 15.83 -1.48
C ARG A 292 -22.62 14.31 -1.23
N TRP A 293 -21.79 13.98 -0.24
CA TRP A 293 -21.67 12.63 0.27
C TRP A 293 -22.14 12.62 1.73
N ALA A 294 -22.56 11.45 2.20
CA ALA A 294 -23.11 11.26 3.54
C ALA A 294 -22.39 10.09 4.23
N TYR A 295 -22.47 10.04 5.54
CA TYR A 295 -21.79 9.03 6.30
C TYR A 295 -22.47 8.74 7.63
N ASP A 296 -22.22 7.52 8.10
CA ASP A 296 -22.55 7.06 9.46
C ASP A 296 -21.24 7.03 10.22
N GLY A 297 -21.07 7.97 11.14
CA GLY A 297 -19.84 8.15 11.88
C GLY A 297 -19.46 6.99 12.78
N ASP A 298 -20.45 6.33 13.38
CA ASP A 298 -20.20 5.22 14.29
C ASP A 298 -19.77 3.97 13.50
N GLU A 299 -20.36 3.79 12.32
CA GLU A 299 -20.19 2.55 11.55
C GLU A 299 -19.20 2.73 10.40
N GLU A 300 -18.74 3.95 10.16
CA GLU A 300 -17.82 4.23 9.04
C GLU A 300 -18.36 3.66 7.72
N TYR A 301 -19.63 3.96 7.50
CA TYR A 301 -20.33 3.72 6.26
C TYR A 301 -20.51 5.04 5.50
N PHE A 302 -20.30 4.96 4.20
CA PHE A 302 -20.30 6.12 3.30
C PHE A 302 -21.27 5.90 2.17
N SER A 303 -21.97 6.95 1.81
CA SER A 303 -22.84 6.96 0.64
C SER A 303 -22.61 8.19 -0.22
N TRP A 304 -22.63 7.98 -1.54
CA TRP A 304 -22.44 9.07 -2.50
C TRP A 304 -22.98 8.63 -3.85
N MET A 305 -23.98 9.35 -4.34
CA MET A 305 -24.51 9.17 -5.70
C MET A 305 -24.73 7.68 -6.03
N ASP A 306 -25.43 6.98 -5.15
CA ASP A 306 -25.83 5.57 -5.30
C ASP A 306 -24.73 4.54 -5.01
N TRP A 307 -23.53 4.99 -4.66
CA TRP A 307 -22.56 4.13 -4.03
C TRP A 307 -22.75 4.03 -2.55
N GLY A 308 -22.37 2.89 -2.01
CA GLY A 308 -22.19 2.67 -0.59
C GLY A 308 -21.06 1.72 -0.27
N PHE A 309 -20.39 1.94 0.88
CA PHE A 309 -19.36 1.06 1.36
C PHE A 309 -19.02 1.33 2.82
N TYR A 310 -18.39 0.36 3.46
CA TYR A 310 -17.82 0.48 4.78
C TYR A 310 -16.32 0.52 4.68
N THR A 311 -15.67 1.26 5.58
CA THR A 311 -14.22 1.20 5.68
C THR A 311 -13.81 0.50 6.95
N SER A 312 -12.61 -0.03 6.90
CA SER A 312 -11.95 -0.64 8.04
C SER A 312 -10.47 -0.28 8.00
N TRP A 313 -9.83 -0.31 9.17
CA TRP A 313 -8.45 0.09 9.30
C TRP A 313 -7.64 -0.96 10.03
N SER A 314 -6.44 -1.23 9.54
CA SER A 314 -5.53 -2.14 10.21
C SER A 314 -4.13 -1.54 10.31
N ARG A 315 -3.42 -1.94 11.36
CA ARG A 315 -2.02 -1.59 11.53
C ARG A 315 -1.19 -2.00 10.32
N ASP A 316 -1.40 -3.20 9.80
CA ASP A 316 -0.51 -3.74 8.76
C ASP A 316 -0.66 -2.96 7.47
N THR A 317 -1.90 -2.72 7.10
CA THR A 317 -2.19 -2.26 5.72
C THR A 317 -2.87 -0.91 5.55
N GLY A 318 -3.39 -0.32 6.64
CA GLY A 318 -4.17 0.91 6.56
C GLY A 318 -5.62 0.60 6.22
N ILE A 319 -6.16 1.29 5.21
CA ILE A 319 -7.59 1.24 4.95
C ILE A 319 -7.98 0.06 4.06
N SER A 320 -9.12 -0.52 4.36
CA SER A 320 -9.77 -1.55 3.52
C SER A 320 -11.22 -1.14 3.31
N PHE A 321 -11.81 -1.63 2.23
CA PHE A 321 -13.22 -1.40 1.87
C PHE A 321 -14.00 -2.71 1.84
N TYR A 322 -15.21 -2.69 2.37
CA TYR A 322 -16.07 -3.87 2.39
C TYR A 322 -17.48 -3.47 1.95
N ASP A 323 -18.13 -4.44 1.31
CA ASP A 323 -19.51 -4.29 0.85
C ASP A 323 -19.72 -3.07 -0.05
N ILE A 324 -18.85 -2.93 -1.05
CA ILE A 324 -19.01 -1.87 -2.03
C ILE A 324 -20.22 -2.16 -2.94
N THR A 325 -21.25 -1.33 -2.83
CA THR A 325 -22.44 -1.43 -3.65
C THR A 325 -22.63 -0.21 -4.52
N PHE A 326 -23.26 -0.43 -5.67
CA PHE A 326 -23.65 0.62 -6.54
C PHE A 326 -25.06 0.33 -7.04
N LYS A 327 -25.92 1.33 -6.95
CA LYS A 327 -27.35 1.19 -7.25
C LYS A 327 -27.99 -0.04 -6.62
N GLY A 328 -27.66 -0.26 -5.35
CA GLY A 328 -28.28 -1.29 -4.54
C GLY A 328 -27.78 -2.72 -4.70
N GLU A 329 -26.69 -2.91 -5.45
CA GLU A 329 -26.15 -4.23 -5.71
C GLU A 329 -24.66 -4.25 -5.33
N ARG A 330 -24.25 -5.24 -4.54
CA ARG A 330 -22.85 -5.42 -4.17
C ARG A 330 -22.08 -5.73 -5.44
N ILE A 331 -21.00 -4.99 -5.66
CA ILE A 331 -20.06 -5.32 -6.74
C ILE A 331 -18.77 -5.88 -6.22
N VAL A 332 -18.30 -5.40 -5.07
CA VAL A 332 -17.06 -5.90 -4.46
C VAL A 332 -17.30 -6.22 -3.01
N TYR A 333 -17.03 -7.46 -2.61
CA TYR A 333 -17.10 -7.81 -1.19
C TYR A 333 -16.00 -7.18 -0.35
N GLU A 334 -14.76 -7.29 -0.85
CA GLU A 334 -13.59 -6.81 -0.13
C GLU A 334 -12.63 -6.22 -1.17
N LEU A 335 -12.18 -5.00 -0.92
CA LEU A 335 -11.07 -4.39 -1.63
C LEU A 335 -10.04 -3.96 -0.60
N SER A 336 -8.86 -4.54 -0.68
CA SER A 336 -7.84 -4.32 0.35
C SER A 336 -6.42 -4.41 -0.18
N LEU A 337 -5.68 -3.33 -0.02
CA LEU A 337 -4.21 -3.37 -0.15
C LEU A 337 -3.66 -4.47 0.77
N GLN A 338 -2.74 -5.29 0.24
CA GLN A 338 -2.23 -6.45 0.95
C GLN A 338 -0.77 -6.32 1.34
N GLU A 339 0.03 -5.72 0.47
CA GLU A 339 1.47 -5.68 0.67
C GLU A 339 2.05 -4.66 -0.28
N LEU A 340 3.16 -4.09 0.17
CA LEU A 340 3.99 -3.21 -0.61
C LEU A 340 5.43 -3.62 -0.41
N ILE A 341 6.17 -3.83 -1.50
CA ILE A 341 7.58 -4.17 -1.42
C ILE A 341 8.42 -3.13 -2.12
N ALA A 342 9.68 -3.06 -1.71
CA ALA A 342 10.70 -2.27 -2.35
C ALA A 342 11.95 -3.12 -2.38
N GLU A 343 12.30 -3.55 -3.59
CA GLU A 343 13.39 -4.49 -3.87
C GLU A 343 14.49 -3.83 -4.67
N TYR A 344 15.68 -3.72 -4.08
CA TYR A 344 16.76 -2.98 -4.69
C TYR A 344 17.77 -3.87 -5.37
N GLY A 345 18.39 -3.34 -6.42
CA GLY A 345 19.54 -3.96 -7.06
C GLY A 345 20.77 -3.06 -6.88
N SER A 346 21.92 -3.65 -6.56
CA SER A 346 23.06 -2.82 -6.23
C SER A 346 24.39 -3.58 -6.40
N ASP A 347 25.46 -2.83 -6.48
CA ASP A 347 26.80 -3.40 -6.38
C ASP A 347 27.22 -3.59 -4.93
N ASP A 348 26.54 -2.92 -4.00
CA ASP A 348 26.92 -2.96 -2.59
C ASP A 348 26.06 -3.91 -1.74
N PRO A 349 26.62 -4.39 -0.62
CA PRO A 349 25.94 -5.39 0.20
C PRO A 349 24.77 -4.90 1.08
N PHE A 350 24.57 -3.60 1.19
CA PHE A 350 23.40 -3.05 1.87
C PHE A 350 22.19 -3.00 0.92
N ASN A 351 22.28 -2.21 -0.12
CA ASN A 351 21.16 -2.09 -1.08
C ASN A 351 20.88 -3.42 -1.76
N GLN A 352 21.90 -4.22 -2.09
CA GLN A 352 21.65 -5.50 -2.74
C GLN A 352 20.88 -6.48 -1.81
N HIS A 353 20.94 -6.26 -0.50
CA HIS A 353 20.20 -7.08 0.45
C HIS A 353 18.95 -6.39 1.00
N THR A 354 18.42 -5.39 0.30
CA THR A 354 17.26 -4.67 0.78
C THR A 354 16.06 -5.15 0.01
N PHE A 355 15.10 -5.76 0.69
CA PHE A 355 13.84 -6.21 0.08
C PHE A 355 12.77 -5.96 1.12
N TYR A 356 12.36 -4.70 1.24
CA TYR A 356 11.40 -4.31 2.27
C TYR A 356 10.00 -4.89 2.06
N SER A 357 9.42 -5.36 3.16
CA SER A 357 7.99 -5.64 3.26
C SER A 357 7.41 -4.51 4.11
N ASP A 358 6.64 -3.63 3.49
CA ASP A 358 6.16 -2.48 4.23
C ASP A 358 5.09 -2.83 5.24
N ILE A 359 4.36 -3.93 5.06
CA ILE A 359 3.39 -4.31 6.10
C ILE A 359 4.05 -4.85 7.36
N SER A 360 5.28 -5.35 7.25
CA SER A 360 6.04 -5.71 8.46
C SER A 360 6.29 -4.48 9.33
N TYR A 361 6.64 -3.37 8.73
CA TYR A 361 6.81 -2.09 9.46
C TYR A 361 5.46 -1.53 9.89
N GLY A 362 4.45 -1.74 9.06
CA GLY A 362 3.11 -1.22 9.26
C GLY A 362 2.85 -0.03 8.33
N VAL A 363 1.76 -0.12 7.59
CA VAL A 363 1.31 0.96 6.70
C VAL A 363 0.27 1.84 7.40
N GLY A 364 -0.42 1.25 8.36
CA GLY A 364 -1.54 1.87 9.05
C GLY A 364 -1.21 2.45 10.42
N ASN A 365 0.09 2.59 10.70
CA ASN A 365 0.53 3.10 11.99
C ASN A 365 1.40 4.34 11.88
N ARG A 366 1.05 5.22 10.95
CA ARG A 366 1.87 6.34 10.60
C ARG A 366 1.20 7.67 11.03
N PHE A 367 1.21 8.69 10.17
CA PHE A 367 0.93 10.07 10.61
C PHE A 367 -0.41 10.60 10.08
N SER A 368 -0.79 11.76 10.60
CA SER A 368 -2.01 12.43 10.16
C SER A 368 -1.77 13.07 8.80
N LEU A 369 -2.88 13.31 8.08
CA LEU A 369 -2.92 14.13 6.88
C LEU A 369 -2.86 15.62 7.24
N VAL A 370 -2.21 16.38 6.38
CA VAL A 370 -2.06 17.84 6.51
C VAL A 370 -3.25 18.46 5.77
N PRO A 371 -4.20 19.03 6.52
CA PRO A 371 -5.38 19.65 5.89
C PRO A 371 -5.01 20.74 4.87
N GLY A 372 -5.80 20.79 3.80
CA GLY A 372 -5.60 21.76 2.74
C GLY A 372 -4.55 21.42 1.69
N TYR A 373 -3.54 20.63 2.08
CA TYR A 373 -2.43 20.25 1.22
C TYR A 373 -2.44 18.80 0.79
N ASP A 374 -2.56 17.90 1.75
CA ASP A 374 -2.68 16.46 1.45
C ASP A 374 -4.02 16.11 0.84
N CYS A 375 -5.06 16.85 1.23
CA CYS A 375 -6.43 16.73 0.74
C CYS A 375 -7.00 18.16 0.55
N PRO A 376 -7.98 18.32 -0.34
CA PRO A 376 -8.65 19.61 -0.51
C PRO A 376 -9.30 20.06 0.80
N SER A 377 -9.46 21.37 0.95
CA SER A 377 -10.09 21.94 2.15
C SER A 377 -11.54 21.50 2.34
N THR A 378 -12.16 21.02 1.28
CA THR A 378 -13.52 20.46 1.38
C THR A 378 -13.63 19.05 1.97
N ALA A 379 -12.49 18.44 2.25
CA ALA A 379 -12.47 17.07 2.73
C ALA A 379 -13.04 16.97 4.15
N GLY A 380 -13.65 15.82 4.43
CA GLY A 380 -13.90 15.31 5.77
C GLY A 380 -12.83 14.32 6.20
N TYR A 381 -12.50 14.32 7.49
CA TYR A 381 -11.40 13.55 8.07
C TYR A 381 -11.95 12.57 9.10
N PHE A 382 -11.31 11.40 9.16
CA PHE A 382 -11.76 10.31 10.01
C PHE A 382 -10.65 9.80 10.87
N THR A 383 -11.01 9.35 12.08
CA THR A 383 -10.08 8.87 13.07
C THR A 383 -10.08 7.38 13.04
N THR A 384 -8.91 6.76 13.16
CA THR A 384 -8.79 5.32 13.27
C THR A 384 -7.88 5.01 14.42
N ASP A 385 -7.67 3.72 14.67
CA ASP A 385 -6.84 3.31 15.77
C ASP A 385 -6.14 2.01 15.53
N THR A 386 -5.10 1.80 16.30
CA THR A 386 -4.34 0.57 16.30
C THR A 386 -3.85 0.30 17.73
N PHE A 387 -3.38 -0.90 17.96
CA PHE A 387 -2.76 -1.27 19.23
C PHE A 387 -1.38 -1.88 18.96
N GLU A 388 -0.35 -1.34 19.59
CA GLU A 388 0.98 -1.95 19.52
C GLU A 388 1.71 -1.82 20.88
N TYR A 389 2.30 -2.92 21.33
CA TYR A 389 3.25 -2.85 22.46
C TYR A 389 2.65 -2.04 23.62
N ASP A 390 1.56 -2.55 24.15
CA ASP A 390 0.94 -2.01 25.37
C ASP A 390 0.20 -0.68 25.23
N GLU A 391 0.14 -0.09 24.02
CA GLU A 391 -0.50 1.19 23.83
C GLU A 391 -1.55 1.18 22.71
N PHE A 392 -2.70 1.76 23.01
CA PHE A 392 -3.74 2.06 22.05
C PHE A 392 -3.49 3.44 21.44
N TYR A 393 -3.40 3.50 20.12
CA TYR A 393 -3.05 4.71 19.39
C TYR A 393 -4.28 5.21 18.67
N ASN A 394 -4.73 6.41 19.01
CA ASN A 394 -5.85 7.03 18.35
C ASN A 394 -5.26 7.99 17.31
N ARG A 395 -5.61 7.83 16.04
CA ARG A 395 -5.02 8.65 14.98
C ARG A 395 -6.05 9.52 14.31
N THR A 396 -6.07 10.79 14.64
CA THR A 396 -7.00 11.69 14.00
C THR A 396 -6.47 12.05 12.58
N LEU A 397 -7.36 12.51 11.72
CA LEU A 397 -6.95 12.90 10.36
C LEU A 397 -6.21 11.74 9.68
N SER A 398 -6.67 10.53 9.92
CA SER A 398 -6.04 9.32 9.39
C SER A 398 -6.38 9.06 7.92
N TYR A 399 -7.61 9.30 7.53
CA TYR A 399 -8.01 9.30 6.13
C TYR A 399 -9.01 10.39 5.86
N CYS A 400 -9.17 10.72 4.59
CA CYS A 400 -10.05 11.80 4.20
C CYS A 400 -10.95 11.36 3.05
N VAL A 401 -12.09 12.03 2.96
CA VAL A 401 -13.10 11.79 1.94
C VAL A 401 -13.47 13.16 1.35
N PHE A 402 -13.47 13.25 0.03
CA PHE A 402 -13.79 14.49 -0.66
C PHE A 402 -14.37 14.25 -2.03
N GLU A 403 -15.21 15.19 -2.45
CA GLU A 403 -15.73 15.21 -3.82
C GLU A 403 -14.86 16.12 -4.65
N ASN A 404 -14.31 15.56 -5.73
CA ASN A 404 -13.56 16.37 -6.68
C ASN A 404 -14.45 16.73 -7.85
N GLN A 405 -14.06 17.77 -8.56
CA GLN A 405 -14.55 18.05 -9.89
C GLN A 405 -13.39 17.76 -10.86
N GLU A 406 -13.51 16.67 -11.61
CA GLU A 406 -12.42 16.27 -12.50
C GLU A 406 -12.26 17.35 -13.56
N ASP A 407 -11.07 17.43 -14.15
CA ASP A 407 -10.73 18.51 -15.08
C ASP A 407 -11.27 18.26 -16.49
N TYR A 408 -12.05 17.20 -16.68
CA TYR A 408 -12.69 16.92 -17.94
C TYR A 408 -14.12 16.45 -17.64
N SER A 409 -15.04 16.63 -18.57
CA SER A 409 -16.42 16.21 -18.34
C SER A 409 -16.52 14.69 -18.49
N LEU A 410 -17.59 14.12 -17.95
CA LEU A 410 -17.76 12.69 -17.99
C LEU A 410 -18.11 12.21 -19.40
N LEU A 411 -18.94 12.99 -20.08
CA LEU A 411 -19.18 12.75 -21.48
C LEU A 411 -19.77 13.99 -22.12
N ARG A 412 -19.83 13.97 -23.43
CA ARG A 412 -20.47 15.04 -24.18
C ARG A 412 -20.83 14.61 -25.57
N HIS A 413 -21.76 15.34 -26.16
CA HIS A 413 -21.92 15.32 -27.61
C HIS A 413 -22.53 16.62 -28.13
N THR A 414 -22.06 17.08 -29.27
CA THR A 414 -22.67 18.16 -30.00
C THR A 414 -23.15 17.64 -31.35
N GLY A 415 -24.42 17.86 -31.64
CA GLY A 415 -24.93 17.57 -32.98
CA GLY A 415 -25.05 17.41 -32.88
C GLY A 415 -26.40 17.87 -33.11
C GLY A 415 -25.59 18.58 -33.63
N ALA A 416 -26.90 17.95 -34.35
N ALA A 416 -26.44 18.29 -34.61
CA ALA A 416 -28.33 18.16 -34.58
CA ALA A 416 -26.97 19.29 -35.54
C ALA A 416 -28.89 19.31 -33.75
C ALA A 416 -27.40 20.58 -34.85
N SER A 417 -28.17 20.42 -33.72
N SER A 417 -28.07 20.46 -33.70
CA SER A 417 -28.58 21.62 -32.99
C SER A 417 -28.78 21.43 -31.47
N TYR A 418 -28.03 20.53 -30.86
CA TYR A 418 -27.90 20.51 -29.43
C TYR A 418 -26.45 20.24 -29.01
N SER A 419 -26.16 20.60 -27.78
CA SER A 419 -24.97 20.15 -27.05
C SER A 419 -25.39 19.62 -25.69
N ALA A 420 -24.92 18.43 -25.36
CA ALA A 420 -25.29 17.76 -24.14
C ALA A 420 -23.97 17.40 -23.43
N ILE A 421 -23.75 17.94 -22.25
CA ILE A 421 -22.52 17.68 -21.49
C ILE A 421 -22.84 17.26 -20.04
N THR A 422 -22.11 16.27 -19.54
CA THR A 422 -22.25 15.83 -18.16
C THR A 422 -20.96 16.09 -17.43
N GLN A 423 -21.09 16.72 -16.28
CA GLN A 423 -19.93 16.97 -15.42
C GLN A 423 -19.42 15.69 -14.81
N ASN A 424 -18.23 15.76 -14.20
CA ASN A 424 -17.56 14.58 -13.70
C ASN A 424 -17.12 14.75 -12.25
N PRO A 425 -18.07 14.85 -11.33
CA PRO A 425 -17.71 14.80 -9.91
C PRO A 425 -17.38 13.36 -9.51
N THR A 426 -16.43 13.20 -8.60
CA THR A 426 -16.05 11.89 -8.12
C THR A 426 -15.90 11.91 -6.62
N LEU A 427 -16.16 10.79 -5.97
CA LEU A 427 -15.87 10.64 -4.57
C LEU A 427 -14.45 10.10 -4.47
N ASN A 428 -13.71 10.62 -3.51
CA ASN A 428 -12.31 10.30 -3.36
C ASN A 428 -12.03 9.97 -1.92
N VAL A 429 -11.35 8.85 -1.69
CA VAL A 429 -10.91 8.47 -0.37
C VAL A 429 -9.39 8.35 -0.43
N ARG A 430 -8.70 9.05 0.46
CA ARG A 430 -7.25 9.06 0.47
C ARG A 430 -6.70 8.78 1.86
N PHE A 431 -5.57 8.08 1.90
CA PHE A 431 -4.70 8.15 3.07
C PHE A 431 -3.29 8.11 2.58
N ILE A 432 -2.38 8.67 3.39
CA ILE A 432 -0.98 8.76 3.05
C ILE A 432 -0.20 8.06 4.14
N SER A 433 0.74 7.21 3.75
CA SER A 433 1.54 6.44 4.70
C SER A 433 2.97 6.79 4.49
N THR A 434 3.53 7.60 5.39
CA THR A 434 4.96 7.87 5.39
C THR A 434 5.69 6.85 6.22
N ILE A 435 6.42 5.97 5.54
CA ILE A 435 7.13 4.87 6.19
C ILE A 435 8.61 5.16 6.06
N GLY A 436 9.17 5.77 7.10
CA GLY A 436 10.55 6.25 7.03
C GLY A 436 10.74 7.25 5.90
N ASN A 437 11.56 6.90 4.91
CA ASN A 437 11.90 7.80 3.82
C ASN A 437 10.78 7.99 2.79
N TPQ A 438 9.95 6.94 2.66
CA TPQ A 438 8.93 6.90 1.55
CB TPQ A 438 8.76 5.48 0.96
C TPQ A 438 7.63 7.52 2.01
O TPQ A 438 7.15 7.22 3.10
C1 TPQ A 438 9.69 5.46 -0.26
C2 TPQ A 438 10.95 4.65 -0.32
O2 TPQ A 438 11.27 3.93 0.64
C3 TPQ A 438 11.82 4.71 -1.53
C4 TPQ A 438 11.48 5.52 -2.63
O4 TPQ A 438 12.19 5.60 -3.65
C5 TPQ A 438 10.23 6.33 -2.57
O5 TPQ A 438 9.92 7.05 -3.55
C6 TPQ A 438 9.37 6.27 -1.36
N ASP A 439 6.97 8.21 1.07
CA ASP A 439 5.57 8.68 1.35
C ASP A 439 4.70 8.07 0.27
N TYR A 440 3.80 7.19 0.67
CA TYR A 440 2.81 6.59 -0.23
C TYR A 440 1.42 7.26 -0.13
N ASN A 441 0.87 7.60 -1.27
CA ASN A 441 -0.36 8.34 -1.35
C ASN A 441 -1.36 7.43 -2.07
N PHE A 442 -2.36 6.96 -1.32
CA PHE A 442 -3.35 5.99 -1.82
C PHE A 442 -4.67 6.70 -2.11
N LEU A 443 -5.21 6.53 -3.30
CA LEU A 443 -6.46 7.17 -3.67
C LEU A 443 -7.43 6.17 -4.28
N TYR A 444 -8.68 6.23 -3.81
CA TYR A 444 -9.77 5.47 -4.34
C TYR A 444 -10.80 6.45 -4.88
N LYS A 445 -11.09 6.36 -6.18
CA LYS A 445 -11.90 7.36 -6.89
C LYS A 445 -13.10 6.69 -7.52
N PHE A 446 -14.29 7.15 -7.13
CA PHE A 446 -15.57 6.56 -7.57
C PHE A 446 -16.24 7.52 -8.53
N PHE A 447 -16.78 6.97 -9.63
CA PHE A 447 -17.40 7.76 -10.70
C PHE A 447 -18.90 7.50 -10.77
N LEU A 448 -19.59 8.40 -11.48
CA LEU A 448 -21.07 8.39 -11.50
C LEU A 448 -21.67 7.17 -12.21
N ASP A 449 -20.92 6.57 -13.14
CA ASP A 449 -21.38 5.42 -13.92
C ASP A 449 -21.21 4.04 -13.26
N GLY A 450 -20.49 3.94 -12.14
CA GLY A 450 -20.21 2.67 -11.51
C GLY A 450 -18.74 2.25 -11.67
N THR A 451 -17.90 3.15 -12.19
CA THR A 451 -16.45 2.88 -12.30
C THR A 451 -15.73 3.28 -11.00
N LEU A 452 -14.74 2.50 -10.61
CA LEU A 452 -13.85 2.80 -9.49
C LEU A 452 -12.40 2.74 -10.00
N GLU A 453 -11.61 3.73 -9.62
CA GLU A 453 -10.17 3.74 -9.94
C GLU A 453 -9.40 3.65 -8.65
N VAL A 454 -8.46 2.75 -8.62
CA VAL A 454 -7.55 2.54 -7.49
C VAL A 454 -6.17 3.03 -7.93
N SER A 455 -5.55 3.93 -7.17
CA SER A 455 -4.22 4.45 -7.57
C SER A 455 -3.27 4.63 -6.40
N VAL A 456 -1.99 4.67 -6.74
CA VAL A 456 -0.98 4.96 -5.77
C VAL A 456 0.05 5.89 -6.42
N ARG A 457 0.56 6.83 -5.64
CA ARG A 457 1.72 7.65 -6.03
C ARG A 457 2.75 7.63 -4.89
N ALA A 458 3.99 7.83 -5.24
CA ALA A 458 5.08 7.77 -4.28
C ALA A 458 5.89 9.05 -4.33
N ALA A 459 6.41 9.44 -3.17
CA ALA A 459 7.26 10.61 -3.06
C ALA A 459 8.20 10.36 -1.87
N GLY A 460 8.94 11.37 -1.46
CA GLY A 460 9.86 11.22 -0.35
C GLY A 460 11.31 11.10 -0.77
N TYR A 461 12.15 10.68 0.16
CA TYR A 461 13.57 10.50 -0.09
C TYR A 461 13.83 9.11 -0.63
N ILE A 462 14.66 9.03 -1.67
CA ILE A 462 15.10 7.74 -2.16
C ILE A 462 16.13 7.09 -1.23
N GLN A 463 16.23 5.77 -1.26
CA GLN A 463 17.33 5.08 -0.61
C GLN A 463 18.44 4.99 -1.65
N ALA A 464 19.31 5.98 -1.59
CA ALA A 464 20.43 6.06 -2.52
C ALA A 464 21.56 5.18 -2.03
N GLY A 465 22.62 5.09 -2.83
CA GLY A 465 23.78 4.27 -2.56
C GLY A 465 25.04 5.06 -2.78
N TYR A 466 26.13 4.64 -2.13
CA TYR A 466 27.42 5.25 -2.37
C TYR A 466 27.86 4.94 -3.81
N TRP A 467 28.25 5.98 -4.55
CA TRP A 467 28.71 5.82 -5.92
C TRP A 467 30.19 5.44 -5.93
N ASN A 468 30.46 4.18 -6.26
CA ASN A 468 31.81 3.69 -6.54
C ASN A 468 32.00 3.61 -8.05
N PRO A 469 32.86 4.45 -8.65
CA PRO A 469 32.99 4.47 -10.11
C PRO A 469 33.38 3.12 -10.72
N GLU A 470 34.05 2.26 -9.95
CA GLU A 470 34.45 0.96 -10.49
C GLU A 470 33.29 -0.02 -10.63
N THR A 471 32.28 0.03 -9.74
CA THR A 471 31.27 -1.03 -9.72
C THR A 471 29.77 -0.58 -9.74
N SER A 472 29.52 0.71 -9.59
CA SER A 472 28.13 1.19 -9.35
C SER A 472 27.31 1.39 -10.61
N ALA A 473 27.98 1.54 -11.76
CA ALA A 473 27.29 1.99 -12.98
C ALA A 473 26.14 1.08 -13.47
N PRO A 474 26.25 -0.25 -13.36
CA PRO A 474 25.13 -1.10 -13.80
C PRO A 474 23.89 -1.04 -12.90
N TYR A 475 23.93 -0.34 -11.77
CA TYR A 475 22.87 -0.40 -10.78
C TYR A 475 22.25 0.96 -10.46
N GLY A 476 22.64 2.00 -11.17
CA GLY A 476 22.15 3.33 -10.83
C GLY A 476 22.91 4.42 -11.54
N LEU A 477 22.34 5.61 -11.53
CA LEU A 477 22.95 6.79 -12.14
C LEU A 477 23.66 7.56 -11.07
N LYS A 478 24.74 8.22 -11.43
CA LYS A 478 25.38 9.15 -10.49
C LYS A 478 24.62 10.44 -10.45
N ILE A 479 23.93 10.69 -9.34
CA ILE A 479 23.06 11.83 -9.19
C ILE A 479 23.58 12.92 -8.27
N HIS A 480 24.71 12.64 -7.58
CA HIS A 480 25.42 13.71 -6.85
C HIS A 480 26.89 13.28 -6.73
N ASP A 481 27.72 14.09 -6.11
CA ASP A 481 29.18 13.87 -6.20
C ASP A 481 29.62 12.44 -5.90
N VAL A 482 29.09 11.86 -4.83
CA VAL A 482 29.40 10.49 -4.43
C VAL A 482 28.11 9.68 -4.20
N LEU A 483 27.08 9.95 -4.98
CA LEU A 483 25.77 9.36 -4.76
C LEU A 483 25.23 8.67 -6.01
N SER A 484 24.79 7.44 -5.85
CA SER A 484 24.10 6.69 -6.88
C SER A 484 22.60 6.68 -6.55
N GLY A 485 21.76 6.86 -7.58
CA GLY A 485 20.34 6.63 -7.41
CA GLY A 485 20.34 6.94 -7.35
C GLY A 485 19.99 5.16 -7.63
C GLY A 485 19.79 5.57 -7.02
N SER A 486 20.11 4.37 -6.56
N SER A 486 20.61 4.55 -7.28
CA SER A 486 19.98 2.92 -6.66
CA SER A 486 20.26 3.15 -7.12
C SER A 486 18.64 2.44 -7.27
C SER A 486 19.20 2.80 -8.14
N PHE A 487 18.79 1.50 -8.18
N PHE A 487 18.70 1.57 -8.06
CA PHE A 487 17.68 1.01 -8.98
C PHE A 487 16.81 0.07 -8.14
N HIS A 488 15.49 0.26 -8.14
CA HIS A 488 14.62 -0.57 -7.30
C HIS A 488 13.24 -0.70 -7.90
N ASP A 489 12.56 -1.77 -7.51
CA ASP A 489 11.18 -1.98 -7.89
C ASP A 489 10.29 -1.70 -6.71
N HIS A 490 9.19 -0.99 -6.93
CA HIS A 490 8.11 -0.93 -5.97
C HIS A 490 7.00 -1.82 -6.56
N VAL A 491 6.43 -2.71 -5.76
CA VAL A 491 5.28 -3.50 -6.21
C VAL A 491 4.27 -3.56 -5.08
N LEU A 492 3.00 -3.32 -5.43
CA LEU A 492 1.92 -3.35 -4.46
C LEU A 492 0.88 -4.39 -4.89
N ASN A 493 0.31 -5.13 -3.94
CA ASN A 493 -0.73 -6.14 -4.22
C ASN A 493 -2.04 -5.69 -3.60
N TYR A 494 -3.10 -5.77 -4.38
CA TYR A 494 -4.49 -5.51 -3.92
C TYR A 494 -5.34 -6.77 -4.05
N LYS A 495 -6.09 -7.09 -3.01
CA LYS A 495 -7.07 -8.15 -3.08
C LYS A 495 -8.37 -7.50 -3.57
N VAL A 496 -8.89 -7.95 -4.71
CA VAL A 496 -10.07 -7.36 -5.33
C VAL A 496 -11.09 -8.48 -5.43
N ASP A 497 -11.91 -8.60 -4.40
CA ASP A 497 -12.92 -9.66 -4.35
C ASP A 497 -14.21 -9.15 -5.00
N LEU A 498 -14.18 -9.11 -6.32
CA LEU A 498 -15.34 -8.80 -7.13
C LEU A 498 -16.34 -9.95 -7.02
N ASP A 499 -17.60 -9.58 -6.82
CA ASP A 499 -18.75 -10.50 -6.86
C ASP A 499 -19.76 -9.88 -7.80
N VAL A 500 -19.61 -10.12 -9.10
CA VAL A 500 -20.38 -9.46 -10.11
C VAL A 500 -21.69 -10.24 -10.33
N GLY A 501 -22.81 -9.61 -9.97
CA GLY A 501 -24.09 -10.30 -10.05
CA GLY A 501 -24.11 -10.26 -10.01
C GLY A 501 -24.03 -11.57 -9.24
C GLY A 501 -24.38 -11.26 -8.89
N GLY A 502 -23.63 -11.43 -7.98
N GLY A 502 -23.45 -11.42 -7.96
CA GLY A 502 -23.48 -12.54 -7.03
C GLY A 502 -22.07 -13.08 -6.91
N THR A 503 -21.86 -14.06 -6.03
CA THR A 503 -20.52 -14.63 -5.84
C THR A 503 -20.08 -15.53 -6.99
N LYS A 504 -21.04 -16.26 -7.58
CA LYS A 504 -20.72 -17.25 -8.62
C LYS A 504 -20.39 -16.53 -9.94
N ASN A 505 -19.11 -16.55 -10.31
CA ASN A 505 -18.61 -15.80 -11.42
C ASN A 505 -17.73 -16.69 -12.34
N ARG A 506 -17.38 -16.11 -13.47
CA ARG A 506 -16.39 -16.63 -14.40
C ARG A 506 -15.43 -15.52 -14.74
N ALA A 507 -14.19 -15.86 -15.05
CA ALA A 507 -13.23 -14.90 -15.56
C ALA A 507 -13.02 -15.22 -17.02
N SER A 508 -13.06 -14.18 -17.84
CA SER A 508 -12.88 -14.32 -19.28
C SER A 508 -11.99 -13.22 -19.85
N GLN A 509 -11.46 -13.46 -21.04
CA GLN A 509 -10.76 -12.42 -21.76
C GLN A 509 -11.29 -12.38 -23.17
N TYR A 510 -11.42 -11.18 -23.71
CA TYR A 510 -11.69 -10.99 -25.14
C TYR A 510 -10.34 -10.71 -25.74
N VAL A 511 -9.85 -11.67 -26.50
CA VAL A 511 -8.56 -11.59 -27.16
C VAL A 511 -8.76 -10.91 -28.49
N MET A 512 -7.85 -9.99 -28.82
CA MET A 512 -7.93 -9.24 -30.07
C MET A 512 -6.80 -9.65 -30.96
N LYS A 513 -7.08 -9.95 -32.23
CA LYS A 513 -6.04 -10.36 -33.16
C LYS A 513 -6.30 -9.90 -34.58
N ASP A 514 -5.24 -9.72 -35.35
CA ASP A 514 -5.44 -9.56 -36.79
C ASP A 514 -5.55 -10.94 -37.46
N VAL A 515 -6.40 -11.02 -38.46
CA VAL A 515 -6.76 -12.30 -39.12
C VAL A 515 -7.01 -12.03 -40.58
N ASP A 516 -6.68 -12.99 -41.42
CA ASP A 516 -7.02 -12.91 -42.85
C ASP A 516 -8.30 -13.68 -43.08
N VAL A 517 -9.26 -13.05 -43.74
CA VAL A 517 -10.60 -13.60 -43.95
C VAL A 517 -11.01 -13.36 -45.39
N GLU A 518 -12.02 -14.10 -45.81
CA GLU A 518 -12.75 -13.85 -47.03
C GLU A 518 -14.18 -13.69 -46.61
N TYR A 519 -14.88 -12.79 -47.27
CA TYR A 519 -16.25 -12.51 -46.97
C TYR A 519 -17.19 -13.05 -48.05
N PRO A 520 -18.41 -13.43 -47.66
CA PRO A 520 -19.39 -13.94 -48.66
C PRO A 520 -19.76 -12.90 -49.72
N TRP A 521 -19.65 -11.62 -49.39
CA TRP A 521 -19.95 -10.54 -50.33
C TRP A 521 -18.78 -10.11 -51.24
N ALA A 522 -17.60 -10.70 -51.08
CA ALA A 522 -16.47 -10.48 -52.01
C ALA A 522 -15.64 -11.74 -52.18
N PRO A 523 -16.19 -12.73 -52.88
CA PRO A 523 -15.55 -14.04 -52.98
C PRO A 523 -14.19 -13.92 -53.63
N GLY A 524 -13.19 -14.60 -53.06
CA GLY A 524 -11.86 -14.65 -53.64
C GLY A 524 -10.96 -13.49 -53.23
N THR A 525 -11.50 -12.55 -52.47
CA THR A 525 -10.72 -11.41 -52.02
C THR A 525 -10.34 -11.58 -50.54
N VAL A 526 -9.04 -11.65 -50.25
CA VAL A 526 -8.56 -11.79 -48.88
C VAL A 526 -8.40 -10.39 -48.27
N TYR A 527 -8.95 -10.23 -47.07
CA TYR A 527 -8.84 -9.02 -46.28
C TYR A 527 -8.04 -9.36 -45.02
N ASN A 528 -7.12 -8.50 -44.64
CA ASN A 528 -6.51 -8.59 -43.32
C ASN A 528 -7.33 -7.66 -42.43
N THR A 529 -8.01 -8.24 -41.46
CA THR A 529 -8.87 -7.51 -40.58
C THR A 529 -8.57 -7.89 -39.13
N LYS A 530 -9.47 -7.54 -38.22
CA LYS A 530 -9.28 -7.89 -36.82
C LYS A 530 -10.54 -8.46 -36.23
N GLN A 531 -10.37 -9.36 -35.27
CA GLN A 531 -11.44 -10.02 -34.60
C GLN A 531 -11.23 -10.10 -33.12
N ILE A 532 -12.33 -10.28 -32.41
CA ILE A 532 -12.30 -10.70 -31.02
C ILE A 532 -12.65 -12.17 -30.87
N ALA A 533 -12.16 -12.77 -29.78
CA ALA A 533 -12.48 -14.15 -29.38
C ALA A 533 -12.57 -14.14 -27.85
N ARG A 534 -13.70 -14.59 -27.31
CA ARG A 534 -13.86 -14.75 -25.88
C ARG A 534 -13.26 -16.07 -25.42
N GLU A 535 -12.37 -15.99 -24.44
CA GLU A 535 -11.76 -17.16 -23.89
C GLU A 535 -11.97 -17.17 -22.39
N VAL A 536 -12.46 -18.28 -21.87
CA VAL A 536 -12.71 -18.43 -20.44
C VAL A 536 -11.43 -18.92 -19.75
N PHE A 537 -11.09 -18.27 -18.65
CA PHE A 537 -10.09 -18.71 -17.70
C PHE A 537 -10.73 -19.80 -16.84
N GLU A 538 -10.59 -21.05 -17.25
CA GLU A 538 -11.30 -22.15 -16.60
C GLU A 538 -10.71 -22.59 -15.26
N ASN A 539 -9.40 -22.39 -15.07
CA ASN A 539 -8.66 -22.82 -13.89
C ASN A 539 -7.67 -21.77 -13.43
N GLU A 540 -7.26 -21.89 -12.16
CA GLU A 540 -6.20 -21.09 -11.59
C GLU A 540 -4.93 -21.35 -12.38
N ASP A 541 -4.26 -20.28 -12.77
CA ASP A 541 -3.02 -20.40 -13.57
C ASP A 541 -1.86 -20.05 -12.68
N PHE A 542 -0.95 -20.99 -12.48
CA PHE A 542 0.24 -20.74 -11.68
C PHE A 542 1.05 -19.54 -12.16
N ASN A 543 1.07 -19.31 -13.48
CA ASN A 543 1.87 -18.23 -14.07
C ASN A 543 1.22 -16.84 -13.89
N GLY A 544 -0.03 -16.83 -13.42
CA GLY A 544 -0.82 -15.63 -13.38
C GLY A 544 -1.12 -15.10 -14.76
N ILE A 545 -1.44 -13.83 -14.82
CA ILE A 545 -1.89 -13.19 -16.04
C ILE A 545 -1.05 -11.95 -16.17
N ASN A 546 -0.46 -11.74 -17.34
CA ASN A 546 0.21 -10.50 -17.59
C ASN A 546 -0.57 -9.74 -18.64
N TRP A 547 -0.57 -8.43 -18.54
CA TRP A 547 -1.31 -7.62 -19.51
C TRP A 547 -0.78 -7.89 -20.92
N PRO A 548 -1.70 -7.96 -21.90
CA PRO A 548 -1.36 -8.38 -23.24
C PRO A 548 -0.54 -7.36 -24.02
N GLU A 549 0.31 -7.88 -24.88
CA GLU A 549 1.10 -7.09 -25.80
C GLU A 549 0.18 -6.19 -26.62
N ASN A 550 0.59 -4.93 -26.70
CA ASN A 550 -0.15 -3.91 -27.48
C ASN A 550 -1.59 -3.75 -26.97
N GLY A 551 -1.81 -4.05 -25.70
CA GLY A 551 -3.17 -3.99 -25.15
C GLY A 551 -4.26 -4.79 -25.84
N GLN A 552 -3.87 -5.88 -26.50
CA GLN A 552 -4.80 -6.66 -27.34
C GLN A 552 -5.60 -7.66 -26.55
N GLY A 553 -6.25 -7.18 -25.50
CA GLY A 553 -7.22 -7.99 -24.78
C GLY A 553 -7.91 -7.19 -23.70
N ILE A 554 -9.07 -7.69 -23.28
CA ILE A 554 -9.90 -7.14 -22.23
C ILE A 554 -10.14 -8.25 -21.20
N LEU A 555 -9.87 -7.98 -19.92
CA LEU A 555 -10.09 -8.95 -18.86
C LEU A 555 -11.39 -8.65 -18.09
N LEU A 556 -12.25 -9.66 -18.01
CA LEU A 556 -13.55 -9.52 -17.37
C LEU A 556 -13.75 -10.49 -16.22
N ILE A 557 -14.43 -10.02 -15.17
CA ILE A 557 -15.08 -10.90 -14.22
C ILE A 557 -16.58 -10.84 -14.53
N GLU A 558 -17.15 -11.99 -14.90
CA GLU A 558 -18.55 -12.07 -15.34
C GLU A 558 -19.41 -12.77 -14.29
N SER A 559 -20.68 -12.42 -14.23
CA SER A 559 -21.62 -13.23 -13.51
C SER A 559 -21.73 -14.58 -14.25
N ALA A 560 -21.80 -15.67 -13.51
CA ALA A 560 -21.90 -17.00 -14.12
C ALA A 560 -23.26 -17.23 -14.76
N GLU A 561 -24.29 -16.64 -14.16
CA GLU A 561 -25.67 -16.83 -14.62
C GLU A 561 -26.43 -15.57 -15.10
N GLU A 562 -26.23 -14.42 -14.45
CA GLU A 562 -26.98 -13.21 -14.79
C GLU A 562 -26.49 -12.56 -16.09
N THR A 563 -27.43 -12.18 -16.94
CA THR A 563 -27.12 -11.44 -18.18
C THR A 563 -27.84 -10.13 -18.22
N ASN A 564 -27.43 -9.26 -19.12
CA ASN A 564 -28.22 -8.08 -19.38
C ASN A 564 -29.33 -8.45 -20.38
N SER A 565 -30.07 -7.45 -20.84
CA SER A 565 -31.24 -7.68 -21.72
C SER A 565 -30.92 -8.23 -23.10
N PHE A 566 -29.67 -8.10 -23.53
CA PHE A 566 -29.20 -8.57 -24.82
C PHE A 566 -28.44 -9.89 -24.78
N GLY A 567 -28.44 -10.55 -23.63
CA GLY A 567 -27.86 -11.88 -23.53
C GLY A 567 -26.41 -11.89 -23.09
N ASN A 568 -25.83 -10.70 -22.83
CA ASN A 568 -24.42 -10.68 -22.47
C ASN A 568 -24.29 -10.90 -20.97
N PRO A 569 -23.33 -11.71 -20.54
CA PRO A 569 -23.05 -11.84 -19.11
C PRO A 569 -22.75 -10.49 -18.46
N ARG A 570 -23.37 -10.22 -17.32
CA ARG A 570 -23.10 -8.98 -16.61
C ARG A 570 -21.63 -9.06 -16.18
N ALA A 571 -20.87 -7.99 -16.43
CA ALA A 571 -19.44 -8.08 -16.14
C ALA A 571 -18.82 -6.79 -15.64
N TYR A 572 -17.63 -6.91 -15.06
CA TYR A 572 -16.76 -5.76 -14.78
C TYR A 572 -15.40 -6.03 -15.41
N ASN A 573 -14.85 -5.01 -16.04
CA ASN A 573 -13.56 -5.08 -16.70
C ASN A 573 -12.50 -4.59 -15.72
N ILE A 574 -11.44 -5.37 -15.54
CA ILE A 574 -10.26 -4.90 -14.81
C ILE A 574 -9.32 -4.33 -15.85
N MET A 575 -9.16 -3.01 -15.82
CA MET A 575 -8.48 -2.26 -16.86
C MET A 575 -7.20 -1.68 -16.27
N PRO A 576 -6.06 -2.01 -16.82
CA PRO A 576 -4.83 -1.45 -16.29
C PRO A 576 -4.70 0.00 -16.67
N GLY A 577 -4.14 0.79 -15.77
CA GLY A 577 -3.75 2.13 -16.09
C GLY A 577 -2.23 2.09 -16.04
N GLY A 578 -1.63 3.15 -15.54
CA GLY A 578 -0.18 3.22 -15.50
C GLY A 578 0.37 2.27 -14.45
N GLY A 579 1.63 1.87 -14.60
CA GLY A 579 2.25 1.08 -13.53
C GLY A 579 1.79 -0.37 -13.50
N GLY A 580 1.39 -0.90 -14.64
CA GLY A 580 1.09 -2.31 -14.78
C GLY A 580 2.33 -3.16 -14.98
N VAL A 581 3.19 -3.17 -13.95
CA VAL A 581 4.46 -3.87 -13.98
C VAL A 581 4.63 -4.73 -12.72
N HIS A 582 5.45 -5.76 -12.85
CA HIS A 582 5.78 -6.67 -11.75
C HIS A 582 7.31 -6.72 -11.58
N ARG A 583 7.78 -7.50 -10.62
CA ARG A 583 9.20 -7.58 -10.36
C ARG A 583 10.02 -7.96 -11.58
N ILE A 584 11.19 -7.34 -11.67
CA ILE A 584 12.22 -7.74 -12.64
C ILE A 584 13.00 -8.97 -12.16
N VAL A 585 13.49 -8.92 -10.95
CA VAL A 585 14.22 -10.02 -10.34
C VAL A 585 13.30 -11.23 -10.17
N LYS A 586 13.83 -12.41 -10.47
CA LYS A 586 13.09 -13.68 -10.34
C LYS A 586 13.39 -14.48 -9.07
N ASN A 587 14.65 -14.50 -8.66
CA ASN A 587 15.11 -15.41 -7.59
C ASN A 587 15.99 -14.66 -6.59
N SER A 588 15.36 -13.95 -5.67
CA SER A 588 16.06 -13.17 -4.69
C SER A 588 16.44 -14.00 -3.47
N ARG A 589 17.70 -13.90 -3.06
CA ARG A 589 18.13 -14.43 -1.76
C ARG A 589 17.46 -13.74 -0.56
N SER A 590 16.99 -12.50 -0.77
CA SER A 590 16.32 -11.73 0.27
C SER A 590 14.79 -11.87 0.24
N GLY A 591 14.26 -12.67 -0.68
CA GLY A 591 12.82 -12.93 -0.71
C GLY A 591 12.49 -14.17 -1.53
N PRO A 592 13.00 -15.32 -1.12
CA PRO A 592 12.81 -16.56 -1.89
C PRO A 592 11.36 -16.97 -1.98
N GLU A 593 10.64 -16.99 -0.86
CA GLU A 593 9.27 -17.45 -0.85
C GLU A 593 8.30 -16.48 -0.20
N THR A 594 8.77 -15.31 0.18
CA THR A 594 8.01 -14.42 1.05
C THR A 594 7.06 -13.45 0.35
N GLN A 595 7.26 -13.28 -0.95
CA GLN A 595 6.50 -12.34 -1.77
C GLN A 595 6.19 -12.87 -3.16
N ASN A 596 5.65 -14.08 -3.26
CA ASN A 596 5.53 -14.77 -4.55
C ASN A 596 4.38 -14.28 -5.43
N TRP A 597 3.55 -13.37 -4.93
CA TRP A 597 2.48 -12.71 -5.69
C TRP A 597 3.04 -11.62 -6.64
N ALA A 598 4.30 -11.24 -6.46
CA ALA A 598 4.84 -10.08 -7.14
C ALA A 598 5.47 -10.30 -8.53
N ARG A 599 5.29 -11.49 -9.08
CA ARG A 599 6.02 -11.95 -10.25
C ARG A 599 5.22 -11.86 -11.55
N SER A 600 3.92 -11.58 -11.43
CA SER A 600 3.05 -11.35 -12.61
C SER A 600 2.14 -10.16 -12.35
N ASN A 601 1.42 -9.67 -13.36
CA ASN A 601 0.54 -8.52 -13.18
C ASN A 601 -0.67 -8.83 -12.29
N LEU A 602 -1.21 -10.03 -12.42
CA LEU A 602 -2.39 -10.36 -11.62
C LEU A 602 -2.64 -11.86 -11.59
N PHE A 603 -3.32 -12.28 -10.53
CA PHE A 603 -3.71 -13.68 -10.34
C PHE A 603 -5.18 -13.79 -10.03
N LEU A 604 -5.78 -14.87 -10.46
CA LEU A 604 -7.18 -15.17 -10.17
C LEU A 604 -7.22 -16.48 -9.40
N THR A 605 -7.89 -16.44 -8.26
CA THR A 605 -8.00 -17.62 -7.39
C THR A 605 -9.44 -17.81 -6.96
N LYS A 606 -9.73 -19.02 -6.50
CA LYS A 606 -11.01 -19.33 -5.88
C LYS A 606 -10.98 -18.81 -4.46
N HIS A 607 -12.00 -18.05 -4.10
CA HIS A 607 -12.09 -17.47 -2.78
C HIS A 607 -12.09 -18.54 -1.71
N LYS A 608 -11.29 -18.34 -0.68
CA LYS A 608 -11.26 -19.18 0.52
C LYS A 608 -11.02 -18.31 1.75
N ASP A 609 -11.71 -18.57 2.84
CA ASP A 609 -11.42 -17.84 4.08
C ASP A 609 -10.03 -18.11 4.59
N THR A 610 -9.49 -19.30 4.28
CA THR A 610 -8.10 -19.63 4.60
C THR A 610 -7.07 -18.90 3.76
N GLU A 611 -7.51 -18.29 2.65
CA GLU A 611 -6.64 -17.45 1.82
C GLU A 611 -7.10 -16.01 1.94
N LEU A 612 -7.00 -15.56 3.18
CA LEU A 612 -7.41 -14.25 3.60
C LEU A 612 -6.56 -13.17 2.99
N ARG A 613 -5.24 -13.41 2.98
CA ARG A 613 -4.25 -12.36 2.71
C ARG A 613 -3.02 -12.95 1.98
N SER A 614 -2.45 -12.19 1.05
CA SER A 614 -1.34 -12.67 0.22
C SER A 614 0.03 -12.51 0.84
N SER A 615 0.11 -11.70 1.89
CA SER A 615 1.31 -11.59 2.74
C SER A 615 0.89 -11.39 4.21
N THR A 616 1.86 -11.41 5.12
CA THR A 616 1.61 -11.09 6.52
C THR A 616 2.77 -10.24 7.03
N ALA A 617 2.54 -9.57 8.16
CA ALA A 617 3.56 -8.77 8.82
C ALA A 617 4.69 -9.65 9.32
N LEU A 618 4.44 -10.95 9.36
CA LEU A 618 5.38 -11.96 9.83
C LEU A 618 6.15 -12.64 8.72
N ASN A 619 5.95 -12.23 7.47
CA ASN A 619 6.58 -12.92 6.36
C ASN A 619 8.05 -12.59 6.17
N THR A 620 8.41 -11.32 6.33
CA THR A 620 9.65 -10.83 5.71
C THR A 620 10.94 -11.57 6.05
N ASN A 621 11.11 -11.99 7.31
CA ASN A 621 12.35 -12.68 7.71
C ASN A 621 12.27 -14.22 7.60
N ALA A 622 11.08 -14.73 7.31
CA ALA A 622 10.85 -16.16 7.14
C ALA A 622 11.01 -16.52 5.67
N LEU A 623 12.27 -16.58 5.25
CA LEU A 623 12.61 -16.55 3.82
C LEU A 623 12.08 -17.73 3.02
N TYR A 624 12.09 -18.92 3.64
CA TYR A 624 11.76 -20.16 2.95
C TYR A 624 10.46 -20.82 3.40
N ASP A 625 10.06 -20.54 4.64
CA ASP A 625 8.81 -21.06 5.20
C ASP A 625 7.96 -19.97 5.82
N PRO A 626 7.54 -18.98 5.01
CA PRO A 626 6.73 -17.90 5.58
C PRO A 626 5.35 -18.35 5.94
N PRO A 627 4.75 -17.67 6.92
CA PRO A 627 3.35 -17.92 7.29
C PRO A 627 2.44 -18.03 6.08
N VAL A 628 2.59 -17.10 5.14
CA VAL A 628 1.86 -17.18 3.89
C VAL A 628 2.85 -17.25 2.70
N ASN A 629 2.76 -18.35 1.97
CA ASN A 629 3.40 -18.50 0.68
C ASN A 629 2.26 -18.39 -0.33
N PHE A 630 2.21 -17.26 -1.05
CA PHE A 630 1.13 -17.01 -1.99
C PHE A 630 0.94 -18.12 -3.03
N ASN A 631 2.05 -18.76 -3.43
CA ASN A 631 1.97 -19.85 -4.39
C ASN A 631 1.11 -21.00 -3.93
N ALA A 632 0.91 -21.15 -2.63
CA ALA A 632 0.01 -22.18 -2.12
C ALA A 632 -1.43 -21.98 -2.56
N PHE A 633 -1.83 -20.77 -2.91
CA PHE A 633 -3.19 -20.49 -3.38
C PHE A 633 -3.45 -21.06 -4.78
N LEU A 634 -2.38 -21.30 -5.52
CA LEU A 634 -2.42 -21.59 -6.93
C LEU A 634 -2.25 -23.10 -7.13
N ASP A 635 -3.38 -23.78 -7.16
CA ASP A 635 -3.41 -25.25 -7.17
C ASP A 635 -4.44 -25.75 -8.17
N ASP A 636 -4.58 -25.00 -9.26
CA ASP A 636 -5.29 -25.45 -10.45
C ASP A 636 -6.78 -25.68 -10.26
N GLU A 637 -7.36 -25.00 -9.29
CA GLU A 637 -8.79 -25.13 -9.04
C GLU A 637 -9.61 -24.52 -10.14
N SER A 638 -10.74 -25.14 -10.42
CA SER A 638 -11.67 -24.57 -11.37
C SER A 638 -12.17 -23.17 -10.96
N LEU A 639 -12.18 -22.24 -11.91
CA LEU A 639 -12.79 -20.92 -11.73
C LEU A 639 -14.07 -20.79 -12.53
N ASP A 640 -14.56 -21.89 -13.07
CA ASP A 640 -15.65 -21.84 -14.00
C ASP A 640 -17.01 -21.90 -13.27
N GLY A 641 -17.52 -20.76 -12.80
CA GLY A 641 -18.71 -20.72 -11.97
C GLY A 641 -18.34 -20.93 -10.52
N GLU A 642 -17.56 -19.98 -9.99
CA GLU A 642 -16.97 -20.04 -8.67
C GLU A 642 -16.87 -18.59 -8.13
N ASP A 643 -16.67 -18.46 -6.82
CA ASP A 643 -16.36 -17.18 -6.19
C ASP A 643 -14.86 -16.94 -6.48
N ILE A 644 -14.60 -15.93 -7.31
CA ILE A 644 -13.26 -15.60 -7.77
C ILE A 644 -12.80 -14.37 -6.99
N VAL A 645 -11.52 -14.37 -6.67
CA VAL A 645 -10.81 -13.20 -6.17
C VAL A 645 -9.69 -12.85 -7.18
N ALA A 646 -9.52 -11.55 -7.47
CA ALA A 646 -8.43 -11.12 -8.34
C ALA A 646 -7.39 -10.46 -7.43
N TRP A 647 -6.13 -10.80 -7.58
CA TRP A 647 -5.05 -10.20 -6.82
C TRP A 647 -4.30 -9.40 -7.85
N VAL A 648 -4.38 -8.07 -7.74
CA VAL A 648 -3.97 -7.17 -8.81
C VAL A 648 -2.75 -6.39 -8.35
N ASN A 649 -1.69 -6.34 -9.16
CA ASN A 649 -0.50 -5.64 -8.80
C ASN A 649 -0.36 -4.31 -9.52
N LEU A 650 0.23 -3.35 -8.81
CA LEU A 650 0.66 -2.06 -9.34
C LEU A 650 2.14 -1.94 -9.03
N GLY A 651 2.89 -1.26 -9.86
CA GLY A 651 4.31 -1.12 -9.60
C GLY A 651 5.00 -0.01 -10.32
N LEU A 652 6.29 0.12 -10.02
CA LEU A 652 7.15 1.11 -10.62
C LEU A 652 8.57 0.59 -10.63
N HIS A 653 9.24 0.60 -11.79
CA HIS A 653 10.66 0.38 -11.86
C HIS A 653 11.31 1.77 -11.70
N HIS A 654 11.92 2.04 -10.56
CA HIS A 654 12.35 3.39 -10.27
C HIS A 654 13.87 3.48 -10.43
N LEU A 655 14.32 4.31 -11.37
CA LEU A 655 15.74 4.57 -11.58
C LEU A 655 15.91 6.09 -11.30
N PRO A 656 16.16 6.47 -10.05
CA PRO A 656 16.20 7.88 -9.70
C PRO A 656 17.21 8.66 -10.48
N ASN A 657 16.82 9.89 -10.82
CA ASN A 657 17.69 10.80 -11.53
C ASN A 657 17.66 12.15 -10.81
N SER A 658 18.15 13.19 -11.44
CA SER A 658 18.10 14.53 -10.85
C SER A 658 16.70 14.93 -10.38
N ASN A 659 15.67 14.48 -11.10
CA ASN A 659 14.30 14.85 -10.76
C ASN A 659 13.77 14.13 -9.53
N ASP A 660 14.64 13.36 -8.86
CA ASP A 660 14.33 12.78 -7.56
C ASP A 660 15.14 13.40 -6.41
N LEU A 661 15.82 14.54 -6.66
CA LEU A 661 16.56 15.22 -5.60
C LEU A 661 16.04 16.62 -5.46
N PRO A 662 15.72 17.08 -4.26
CA PRO A 662 15.91 16.35 -3.00
C PRO A 662 14.90 15.25 -2.73
N ASN A 663 13.76 15.26 -3.42
CA ASN A 663 12.72 14.23 -3.21
C ASN A 663 12.15 13.79 -4.55
N THR A 664 11.66 12.55 -4.59
CA THR A 664 10.80 12.06 -5.64
C THR A 664 9.46 12.78 -5.66
N ILE A 665 8.89 13.00 -6.85
CA ILE A 665 7.61 13.72 -7.00
C ILE A 665 6.47 12.75 -7.37
N PHE A 666 5.28 13.05 -6.85
CA PHE A 666 4.10 12.21 -6.99
C PHE A 666 3.56 12.16 -8.43
N SER A 667 3.79 13.22 -9.20
CA SER A 667 3.23 13.34 -10.53
C SER A 667 3.69 12.24 -11.49
N THR A 668 4.96 11.88 -11.38
CA THR A 668 5.55 10.87 -12.29
C THR A 668 5.81 9.49 -11.69
N ALA A 669 5.47 9.31 -10.41
CA ALA A 669 5.63 8.05 -9.71
C ALA A 669 4.23 7.56 -9.36
N HIS A 670 3.55 7.02 -10.36
CA HIS A 670 2.09 6.79 -10.33
C HIS A 670 1.72 5.43 -10.93
N ALA A 671 0.73 4.78 -10.34
CA ALA A 671 0.22 3.50 -10.84
C ALA A 671 -1.28 3.45 -10.53
N SER A 672 -2.06 2.85 -11.44
CA SER A 672 -3.49 2.76 -11.21
C SER A 672 -4.11 1.60 -11.98
N PHE A 673 -5.29 1.19 -11.55
CA PHE A 673 -6.16 0.33 -12.36
C PHE A 673 -7.61 0.77 -12.14
N MET A 674 -8.47 0.42 -13.08
CA MET A 674 -9.88 0.73 -13.00
C MET A 674 -10.71 -0.56 -13.02
N LEU A 675 -11.86 -0.50 -12.35
CA LEU A 675 -12.90 -1.51 -12.38
C LEU A 675 -14.07 -0.82 -13.02
N THR A 676 -14.42 -1.24 -14.22
CA THR A 676 -15.44 -0.56 -14.98
C THR A 676 -16.56 -1.48 -15.47
N PRO A 677 -17.80 -1.03 -15.39
CA PRO A 677 -18.90 -1.90 -15.87
C PRO A 677 -18.79 -2.26 -17.36
N PHE A 678 -19.08 -3.53 -17.67
CA PHE A 678 -18.96 -4.06 -19.02
C PHE A 678 -20.15 -4.98 -19.27
N ASN A 679 -21.17 -4.45 -19.94
CA ASN A 679 -22.45 -5.18 -20.06
C ASN A 679 -23.11 -5.48 -18.71
N TYR A 680 -22.74 -4.72 -17.70
CA TYR A 680 -23.26 -4.92 -16.36
C TYR A 680 -24.70 -4.40 -16.27
N PHE A 681 -24.97 -3.38 -17.07
CA PHE A 681 -26.32 -2.81 -17.22
C PHE A 681 -26.66 -2.90 -18.69
N ASP A 682 -27.85 -2.47 -19.07
CA ASP A 682 -28.20 -2.37 -20.48
C ASP A 682 -27.63 -1.14 -21.16
N SER A 683 -27.25 -0.16 -20.35
CA SER A 683 -26.80 1.14 -20.82
C SER A 683 -25.85 1.77 -19.81
N GLU A 684 -25.25 2.90 -20.21
CA GLU A 684 -24.33 3.67 -19.35
C GLU A 684 -25.13 4.39 -18.26
N ASN A 685 -24.77 4.15 -16.99
CA ASN A 685 -25.65 4.52 -15.91
C ASN A 685 -25.43 5.86 -15.20
N SER A 686 -24.75 6.79 -15.83
CA SER A 686 -24.67 8.14 -15.27
C SER A 686 -25.79 9.07 -15.73
N ARG A 687 -26.64 8.61 -16.66
CA ARG A 687 -27.58 9.51 -17.32
C ARG A 687 -28.60 10.17 -16.36
N ASP A 688 -28.76 9.63 -15.16
CA ASP A 688 -29.73 10.18 -14.20
C ASP A 688 -29.20 11.30 -13.36
N THR A 689 -27.90 11.63 -13.50
CA THR A 689 -27.39 12.74 -12.73
C THR A 689 -28.00 14.07 -13.18
N THR A 690 -28.18 14.97 -12.22
CA THR A 690 -28.56 16.33 -12.52
C THR A 690 -27.39 17.19 -12.93
N GLN A 691 -26.14 16.71 -12.80
CA GLN A 691 -24.98 17.54 -13.06
C GLN A 691 -24.62 17.51 -14.52
N GLN A 692 -25.52 18.06 -15.33
CA GLN A 692 -25.36 18.05 -16.77
C GLN A 692 -26.12 19.24 -17.34
N VAL A 693 -25.83 19.55 -18.59
CA VAL A 693 -26.49 20.61 -19.34
C VAL A 693 -27.03 20.05 -20.65
N PHE A 694 -28.18 20.58 -21.06
CA PHE A 694 -28.74 20.26 -22.37
C PHE A 694 -29.06 21.59 -23.04
N TYR A 695 -28.26 21.93 -24.01
CA TYR A 695 -28.36 23.16 -24.79
C TYR A 695 -28.99 22.82 -26.14
N THR A 696 -30.02 23.57 -26.50
CA THR A 696 -30.65 23.47 -27.82
C THR A 696 -30.71 24.82 -28.51
N TYR A 697 -30.60 24.77 -29.84
CA TYR A 697 -30.75 25.93 -30.71
C TYR A 697 -31.86 25.64 -31.72
N ASP A 698 -32.83 26.56 -31.84
CA ASP A 698 -33.88 26.47 -32.85
C ASP A 698 -33.43 27.12 -34.16
N ASP A 699 -33.53 26.36 -35.26
CA ASP A 699 -33.03 26.80 -36.57
C ASP A 699 -33.78 28.04 -37.11
N GLU A 700 -35.10 28.07 -36.90
CA GLU A 700 -35.93 29.14 -37.46
C GLU A 700 -35.95 30.40 -36.58
N THR A 701 -36.23 30.24 -35.29
CA THR A 701 -36.40 31.40 -34.39
C THR A 701 -35.07 32.00 -33.92
N GLU A 702 -33.97 31.29 -34.18
CA GLU A 702 -32.62 31.69 -33.78
C GLU A 702 -32.48 31.83 -32.25
N GLU A 703 -33.32 31.12 -31.51
CA GLU A 703 -33.29 31.14 -30.05
C GLU A 703 -32.58 29.90 -29.47
N SER A 704 -31.78 30.16 -28.44
CA SER A 704 -31.09 29.11 -27.69
C SER A 704 -31.83 28.86 -26.39
N ASN A 705 -31.77 27.63 -25.91
CA ASN A 705 -32.34 27.26 -24.63
C ASN A 705 -31.33 26.43 -23.85
N TRP A 706 -31.19 26.77 -22.58
CA TRP A 706 -30.27 26.08 -21.66
C TRP A 706 -31.06 25.36 -20.58
N GLU A 707 -30.89 24.05 -20.49
CA GLU A 707 -31.50 23.26 -19.43
C GLU A 707 -30.38 22.82 -18.48
N PHE A 708 -30.50 23.21 -17.22
CA PHE A 708 -29.48 22.96 -16.20
C PHE A 708 -29.95 22.01 -15.11
N TYR A 709 -31.14 21.45 -15.27
CA TYR A 709 -31.68 20.43 -14.35
C TYR A 709 -31.64 20.82 -12.87
N GLY A 710 -31.97 22.07 -12.58
CA GLY A 710 -32.12 22.52 -11.20
C GLY A 710 -30.88 23.14 -10.59
N ASN A 711 -29.79 23.17 -11.35
CA ASN A 711 -28.56 23.81 -10.94
C ASN A 711 -28.51 25.26 -11.38
N ASP A 712 -28.38 26.14 -10.41
CA ASP A 712 -28.40 27.58 -10.67
C ASP A 712 -26.96 28.06 -10.78
N TRP A 713 -26.56 28.46 -11.97
CA TRP A 713 -25.19 28.94 -12.17
C TRP A 713 -25.04 30.44 -11.93
N SER A 714 -26.13 31.12 -11.52
CA SER A 714 -26.05 32.55 -11.21
C SER A 714 -24.93 32.86 -10.21
N SER A 715 -24.32 34.04 -10.37
CA SER A 715 -23.27 34.49 -9.48
C SER A 715 -23.75 34.54 -8.03
N CYS A 716 -22.94 34.03 -7.12
CA CYS A 716 -23.26 34.06 -5.69
C CYS A 716 -22.01 34.10 -4.82
N GLY A 717 -22.18 34.52 -3.58
CA GLY A 717 -21.08 34.70 -2.65
C GLY A 717 -20.92 33.50 -1.76
N VAL A 718 -19.67 33.08 -1.57
CA VAL A 718 -19.31 32.01 -0.64
C VAL A 718 -18.15 32.51 0.20
N GLU A 719 -18.02 31.92 1.37
CA GLU A 719 -16.81 32.09 2.19
C GLU A 719 -15.87 30.92 1.90
N VAL A 720 -14.65 31.23 1.45
CA VAL A 720 -13.60 30.24 1.22
C VAL A 720 -12.93 29.99 2.56
N ALA A 721 -13.26 28.84 3.15
CA ALA A 721 -12.92 28.56 4.54
C ALA A 721 -11.46 28.14 4.74
N GLU A 722 -10.92 28.51 5.89
CA GLU A 722 -9.59 28.09 6.30
C GLU A 722 -9.66 26.60 6.65
N PRO A 723 -8.71 25.81 6.15
CA PRO A 723 -8.55 24.42 6.61
C PRO A 723 -8.39 24.25 8.14
N ASN A 724 -8.76 23.09 8.63
CA ASN A 724 -8.61 22.74 10.06
C ASN A 724 -7.15 22.46 10.49
N PHE A 725 -6.25 23.44 10.31
CA PHE A 725 -4.83 23.23 10.52
C PHE A 725 -4.53 22.90 11.98
N GLU A 726 -5.31 23.53 12.88
CA GLU A 726 -5.26 23.27 14.32
C GLU A 726 -5.41 21.80 14.71
N ASP A 727 -6.10 21.00 13.90
CA ASP A 727 -6.27 19.55 14.15
C ASP A 727 -5.02 18.72 13.82
N TYR A 728 -4.08 19.30 13.09
CA TYR A 728 -2.86 18.59 12.73
C TYR A 728 -1.76 18.78 13.78
N THR A 729 -1.43 17.68 14.46
CA THR A 729 -0.18 17.64 15.22
C THR A 729 0.71 16.50 14.71
N TYR A 730 1.99 16.80 14.61
N TYR A 730 2.01 16.77 14.63
CA TYR A 730 3.01 15.81 14.28
CA TYR A 730 2.98 15.72 14.35
C TYR A 730 2.95 14.59 15.18
C TYR A 730 4.18 16.13 15.15
N GLY A 731 3.22 13.43 14.61
CA GLY A 731 3.39 12.23 15.39
C GLY A 731 2.55 11.10 14.86
N ARG A 732 2.84 9.90 15.35
CA ARG A 732 2.19 8.71 14.84
C ARG A 732 1.06 8.21 15.74
N GLY A 733 0.22 9.14 16.21
CA GLY A 733 -0.94 8.80 17.01
C GLY A 733 -0.78 9.16 18.47
N THR A 734 -1.89 9.55 19.08
CA THR A 734 -1.93 9.83 20.51
C THR A 734 -2.06 8.51 21.24
N ARG A 735 -1.09 8.22 22.12
CA ARG A 735 -0.97 6.91 22.76
C ARG A 735 -1.61 6.89 24.14
N ILE A 736 -2.08 5.71 24.53
CA ILE A 736 -2.66 5.48 25.85
C ILE A 736 -2.25 4.07 26.29
N ASN A 737 -1.42 4.00 27.33
CA ASN A 737 -0.94 2.72 27.85
C ASN A 737 -2.05 1.93 28.55
C1 NAG B . -13.29 -19.10 9.28
C2 NAG B . -13.56 -19.74 10.65
C3 NAG B . -12.42 -20.65 11.13
C4 NAG B . -11.99 -21.62 10.04
C5 NAG B . -11.79 -20.84 8.75
C6 NAG B . -11.45 -21.70 7.55
C7 NAG B . -15.07 -18.60 12.22
C8 NAG B . -15.28 -17.34 13.02
N2 NAG B . -13.84 -18.76 11.69
O3 NAG B . -12.86 -21.34 12.28
O4 NAG B . -10.75 -22.20 10.38
O5 NAG B . -12.95 -20.15 8.39
O6 NAG B . -12.54 -22.53 7.25
O7 NAG B . -15.99 -19.41 12.09
C1 NAG B . -10.82 -23.28 11.36
C2 NAG B . -9.72 -24.27 11.00
C3 NAG B . -9.78 -25.47 11.95
C4 NAG B . -9.81 -25.03 13.41
C5 NAG B . -10.87 -23.94 13.62
C6 NAG B . -10.86 -23.40 15.04
C7 NAG B . -9.09 -24.66 8.65
C8 NAG B . -9.59 -25.03 7.28
N2 NAG B . -9.96 -24.75 9.66
O3 NAG B . -8.71 -26.35 11.70
O4 NAG B . -10.16 -26.15 14.19
O5 NAG B . -10.67 -22.86 12.70
O6 NAG B . -11.92 -22.47 15.24
O7 NAG B . -7.91 -24.32 8.78
C1 BMA B . -9.06 -26.73 14.92
C2 BMA B . -9.61 -27.48 16.12
C3 BMA B . -8.48 -28.06 16.96
C4 BMA B . -7.51 -28.88 16.08
C5 BMA B . -7.13 -28.10 14.80
C6 BMA B . -6.27 -28.90 13.81
O2 BMA B . -10.47 -28.51 15.67
O3 BMA B . -9.01 -28.85 18.00
O4 BMA B . -6.36 -29.16 16.83
O5 BMA B . -8.28 -27.62 14.13
O6 BMA B . -6.51 -30.29 13.82
C1 NAG C . 6.74 -13.97 35.78
C1 NAG C . 4.36 -17.55 35.82
C2 NAG C . 6.99 -14.84 37.01
C2 NAG C . 3.29 -18.60 35.63
C3 NAG C . 8.17 -14.30 37.80
C3 NAG C . 3.34 -19.69 36.70
C4 NAG C . 9.39 -14.23 36.89
C4 NAG C . 4.75 -20.22 36.87
C5 NAG C . 9.07 -13.42 35.63
C5 NAG C . 5.73 -19.07 37.03
C6 NAG C . 10.25 -13.45 34.67
C6 NAG C . 7.17 -19.59 37.08
C7 NAG C . 5.25 -15.91 38.38
C7 NAG C . 1.13 -18.08 34.65
C8 NAG C . 4.03 -15.68 39.21
C8 NAG C . -0.15 -17.30 34.76
N2 NAG C . 5.81 -14.81 37.86
N2 NAG C . 1.98 -17.98 35.67
O3 NAG C . 8.43 -15.12 38.92
O3 NAG C . 2.46 -20.74 36.33
O4 NAG C . 10.47 -13.64 37.60
O4 NAG C . 4.78 -21.07 38.01
O5 NAG C . 7.91 -13.92 34.98
O5 NAG C . 5.62 -18.15 35.96
O6 NAG C . 10.03 -12.51 33.63
O6 NAG C . 8.11 -18.59 36.73
O7 NAG C . 5.68 -17.06 38.21
O7 NAG C . 1.35 -18.78 33.66
C1 NAG D . 31.15 5.89 22.08
C2 NAG D . 30.03 6.21 23.07
C3 NAG D . 30.26 7.55 23.77
C4 NAG D . 31.68 7.60 24.35
C5 NAG D . 32.74 7.15 23.34
C6 NAG D . 34.08 7.05 24.06
C7 NAG D . 27.75 5.33 22.72
C8 NAG D . 26.38 5.60 22.14
N2 NAG D . 28.71 6.22 22.44
O3 NAG D . 29.29 7.74 24.79
O4 NAG D . 31.97 8.92 24.78
O5 NAG D . 32.40 5.91 22.74
O6 NAG D . 35.00 6.26 23.35
O7 NAG D . 27.90 4.32 23.41
C1 NAG E . 19.55 29.20 -0.68
C2 NAG E . 20.40 27.95 -0.42
C3 NAG E . 21.91 28.16 -0.61
C4 NAG E . 22.26 29.10 -1.77
C5 NAG E . 21.32 30.30 -1.82
C6 NAG E . 21.58 31.18 -3.03
C7 NAG E . 19.45 26.28 1.14
C8 NAG E . 19.41 25.79 2.55
N2 NAG E . 20.15 27.41 0.90
O3 NAG E . 22.57 26.92 -0.78
O4 NAG E . 23.59 29.53 -1.62
O5 NAG E . 19.98 29.85 -1.87
O6 NAG E . 21.44 30.45 -4.23
O7 NAG E . 18.85 25.65 0.26
C1 NAG F . -10.16 9.03 19.40
C2 NAG F . -10.85 8.95 20.77
C3 NAG F . -12.33 9.32 20.67
C4 NAG F . -12.51 10.64 19.92
C5 NAG F . -11.62 10.72 18.67
C6 NAG F . -11.62 12.12 18.06
C7 NAG F . -10.10 7.39 22.50
C8 NAG F . -10.48 6.11 23.17
N2 NAG F . -10.72 7.62 21.34
O3 NAG F . -12.90 9.39 21.97
O4 NAG F . -13.87 10.74 19.56
O5 NAG F . -10.28 10.36 18.97
O6 NAG F . -10.91 13.02 18.89
O7 NAG F . -9.27 8.15 23.01
CU CU G . 11.35 4.50 -5.57
CA CA H . -15.62 -12.92 -5.63
CA CA I . -6.65 -22.36 -5.12
MG MG J . -13.85 1.70 16.77
MG MG K . -30.34 -16.77 18.00
MG MG L . -25.76 3.92 14.54
CL CL M . 12.49 -19.96 6.77
CL CL N . 2.77 -23.95 15.12
CL CL O . 29.18 15.21 -1.47
CL CL P . -15.88 -15.46 -29.15
CL CL Q . -13.58 16.73 9.21
CL CL R . 21.52 -15.64 27.33
N1 IMD S . 10.64 0.57 4.64
C2 IMD S . 10.66 1.61 3.77
N3 IMD S . 11.77 2.33 4.01
C4 IMD S . 12.46 1.75 5.02
C5 IMD S . 11.73 0.64 5.42
XE XE T . -16.47 -1.40 -8.33
XE XE U . 34.89 -8.15 11.49
XE XE V . 4.06 4.04 -7.46
XE XE W . -4.85 17.81 -2.80
XE XE X . -6.30 -9.68 -20.71
XE XE Y . -6.00 -0.78 25.68
XE XE Z . 3.77 1.03 -6.88
XE XE AA . 4.58 3.11 -5.69
#